data_8GL9
#
_entry.id   8GL9
#
_cell.length_a   197.145
_cell.length_b   197.145
_cell.length_c   126.979
_cell.angle_alpha   90.00
_cell.angle_beta   90.00
_cell.angle_gamma   120.00
#
_symmetry.space_group_name_H-M   'H 3'
#
loop_
_entity.id
_entity.type
_entity.pdbx_description
1 polymer 'Proliferating cell nuclear antigen'
2 non-polymer 'CHLORIDE ION'
3 non-polymer N~2~-(naphthalene-1-carbonyl)-N-(2-phenoxyphenyl)-L-alpha-glutamine
4 water water
#
_entity_poly.entity_id   1
_entity_poly.type   'polypeptide(L)'
_entity_poly.pdbx_seq_one_letter_code
;MFEARLVQGSILKKVLEALKDLINEACWDISSSGVNLQSMDSSHVSLVQLTLRSEGFDTYRCDRNLAMGVNLTSMSKILK
CAGNEDIITLRAEDNADTLALVFEAPNQEKVSDYEMKLMDLDVEQLGIPEQEYSCVVKMPSGEFARICRDLSHIGDAVVI
SCAKDGVKFSASGELGNGNIKLSQTSNVDKEEEAVTIEMNEPVQLTFALRYLNFFTKATPLSSTVTLSMSADVPLVVEYK
IADMGHLKYYLAPKIEDEEGS
;
_entity_poly.pdbx_strand_id   A,B,C,D
#
# COMPACT_ATOMS: atom_id res chain seq x y z
N MET A 1 12.56 29.99 41.01
CA MET A 1 11.90 29.27 39.94
C MET A 1 12.77 29.18 38.69
N PHE A 2 12.94 27.97 38.17
CA PHE A 2 13.54 27.79 36.86
C PHE A 2 12.42 27.55 35.87
N GLU A 3 12.49 28.21 34.71
CA GLU A 3 11.47 27.98 33.69
C GLU A 3 12.05 28.28 32.31
N ALA A 4 12.18 27.26 31.49
CA ALA A 4 12.69 27.42 30.13
C ALA A 4 11.62 26.98 29.14
N ARG A 5 11.40 27.82 28.13
CA ARG A 5 10.40 27.57 27.10
C ARG A 5 11.14 27.40 25.79
N LEU A 6 10.91 26.27 25.14
CA LEU A 6 11.57 25.94 23.89
C LEU A 6 10.47 25.68 22.85
N VAL A 7 10.32 26.62 21.93
CA VAL A 7 9.33 26.46 20.86
C VAL A 7 9.67 25.26 19.99
N GLN A 8 10.96 25.06 19.71
CA GLN A 8 11.44 23.96 18.88
C GLN A 8 11.69 22.72 19.77
N GLY A 9 10.63 22.30 20.46
CA GLY A 9 10.73 21.31 21.52
C GLY A 9 11.12 19.92 21.06
N SER A 10 11.01 19.63 19.78
CA SER A 10 11.57 18.40 19.25
C SER A 10 13.05 18.27 19.57
N ILE A 11 13.75 19.38 19.80
CA ILE A 11 15.14 19.28 20.23
C ILE A 11 15.23 18.50 21.53
N LEU A 12 14.34 18.82 22.47
CA LEU A 12 14.32 18.12 23.73
C LEU A 12 14.00 16.66 23.52
N LYS A 13 13.01 16.39 22.67
CA LYS A 13 12.69 15.02 22.29
C LYS A 13 13.95 14.29 21.83
N LYS A 14 14.69 14.91 20.92
CA LYS A 14 15.86 14.28 20.32
C LYS A 14 17.01 14.12 21.31
N VAL A 15 17.18 15.08 22.23
CA VAL A 15 18.23 15.02 23.23
C VAL A 15 18.00 13.86 24.19
N LEU A 16 16.78 13.67 24.68
CA LEU A 16 16.56 12.50 25.53
C LEU A 16 16.76 11.22 24.76
N GLU A 17 16.29 11.15 23.52
CA GLU A 17 16.55 9.95 22.72
C GLU A 17 18.04 9.76 22.47
N ALA A 18 18.84 10.81 22.60
CA ALA A 18 20.26 10.66 22.37
C ALA A 18 20.97 10.21 23.62
N LEU A 19 20.31 10.30 24.77
CA LEU A 19 20.92 9.98 26.05
C LEU A 19 20.49 8.65 26.61
N LYS A 20 19.27 8.17 26.29
CA LYS A 20 18.67 7.17 27.17
C LYS A 20 19.33 5.80 27.00
N ASP A 21 19.81 5.47 25.81
CA ASP A 21 20.45 4.17 25.68
C ASP A 21 21.90 4.15 26.19
N LEU A 22 22.43 5.28 26.64
CA LEU A 22 23.77 5.36 27.19
C LEU A 22 23.75 5.49 28.71
N ILE A 23 22.87 6.32 29.24
CA ILE A 23 22.80 6.57 30.67
C ILE A 23 21.36 6.48 31.13
N ASN A 24 21.18 6.08 32.38
CA ASN A 24 19.87 5.98 33.00
C ASN A 24 19.52 7.19 33.82
N GLU A 25 20.50 7.87 34.38
CA GLU A 25 20.27 8.96 35.29
C GLU A 25 21.33 10.02 35.01
N ALA A 26 21.14 11.22 35.54
CA ALA A 26 22.07 12.31 35.28
C ALA A 26 21.70 13.46 36.17
N CYS A 27 22.69 14.31 36.45
CA CYS A 27 22.40 15.53 37.17
C CYS A 27 22.37 16.64 36.13
N TRP A 28 21.21 17.24 35.96
CA TRP A 28 21.08 18.43 35.12
C TRP A 28 21.46 19.65 35.96
N ASP A 29 22.55 20.30 35.57
CA ASP A 29 22.98 21.54 36.18
C ASP A 29 22.22 22.68 35.52
N ILE A 30 21.28 23.27 36.26
CA ILE A 30 20.50 24.40 35.78
C ILE A 30 21.05 25.66 36.44
N SER A 31 21.47 26.62 35.60
CA SER A 31 21.97 27.91 36.03
C SER A 31 21.48 29.00 35.08
N SER A 32 21.79 30.24 35.43
CA SER A 32 21.37 31.36 34.61
C SER A 32 22.07 31.39 33.24
N SER A 33 23.19 30.69 33.08
CA SER A 33 23.80 30.59 31.76
C SER A 33 23.15 29.51 30.89
N GLY A 34 22.37 28.61 31.47
CA GLY A 34 21.62 27.63 30.71
C GLY A 34 21.67 26.27 31.37
N VAL A 35 21.40 25.24 30.57
CA VAL A 35 21.36 23.86 31.05
C VAL A 35 22.67 23.19 30.70
N ASN A 36 23.24 22.48 31.67
CA ASN A 36 24.48 21.78 31.46
C ASN A 36 24.39 20.42 32.13
N LEU A 37 24.72 19.37 31.40
CA LEU A 37 24.62 18.02 31.91
C LEU A 37 25.93 17.31 31.64
N GLN A 38 26.45 16.59 32.63
CA GLN A 38 27.48 15.63 32.30
C GLN A 38 27.35 14.41 33.18
N SER A 39 27.53 13.26 32.54
CA SER A 39 27.18 12.01 33.15
C SER A 39 27.92 10.90 32.41
N MET A 40 28.30 9.86 33.14
CA MET A 40 29.06 8.75 32.57
C MET A 40 28.24 7.47 32.60
N ASP A 41 28.55 6.58 31.68
CA ASP A 41 27.77 5.35 31.65
C ASP A 41 28.18 4.43 32.80
N SER A 42 27.28 3.52 33.13
CA SER A 42 27.40 2.67 34.31
C SER A 42 28.75 1.97 34.42
N SER A 43 29.46 1.78 33.29
CA SER A 43 30.73 1.08 33.26
C SER A 43 31.92 2.05 33.13
N HIS A 44 31.67 3.36 33.20
CA HIS A 44 32.70 4.36 33.37
C HIS A 44 33.66 4.44 32.22
N VAL A 45 33.28 4.00 31.02
CA VAL A 45 34.20 4.15 29.91
C VAL A 45 33.81 5.29 28.97
N SER A 46 32.67 5.94 29.20
CA SER A 46 32.29 7.05 28.36
C SER A 46 31.67 8.16 29.18
N LEU A 47 31.79 9.36 28.65
CA LEU A 47 31.20 10.54 29.25
C LEU A 47 30.45 11.29 28.15
N VAL A 48 29.23 11.70 28.45
CA VAL A 48 28.43 12.55 27.58
C VAL A 48 28.18 13.88 28.28
N GLN A 49 28.23 14.97 27.52
CA GLN A 49 28.12 16.31 28.08
C GLN A 49 27.24 17.14 27.16
N LEU A 50 26.13 17.62 27.71
CA LEU A 50 25.13 18.39 26.98
C LEU A 50 25.21 19.83 27.40
N THR A 51 25.06 20.72 26.42
CA THR A 51 25.09 22.16 26.62
C THR A 51 23.91 22.75 25.87
N LEU A 52 23.00 23.38 26.60
CA LEU A 52 21.88 24.16 26.05
C LEU A 52 21.94 25.55 26.68
N ARG A 53 22.46 26.53 25.95
CA ARG A 53 22.61 27.88 26.45
C ARG A 53 21.25 28.57 26.60
N SER A 54 21.16 29.46 27.60
CA SER A 54 19.91 30.18 27.86
C SER A 54 19.46 31.00 26.66
N GLU A 55 20.37 31.74 26.05
CA GLU A 55 20.02 32.51 24.87
C GLU A 55 19.37 31.67 23.78
N GLY A 56 19.65 30.36 23.74
CA GLY A 56 19.05 29.47 22.76
C GLY A 56 17.63 29.03 23.06
N PHE A 57 17.17 29.28 24.28
CA PHE A 57 15.77 29.12 24.60
C PHE A 57 14.99 30.36 24.17
N ASP A 58 13.69 30.17 23.94
CA ASP A 58 12.81 31.31 23.68
C ASP A 58 12.53 32.12 24.93
N THR A 59 12.75 31.51 26.09
CA THR A 59 12.38 32.08 27.37
C THR A 59 13.17 31.34 28.43
N TYR A 60 13.93 32.07 29.24
CA TYR A 60 14.74 31.44 30.27
C TYR A 60 14.56 32.14 31.60
N ARG A 61 14.35 31.36 32.65
CA ARG A 61 14.21 31.82 34.02
C ARG A 61 15.04 30.95 34.93
N CYS A 62 15.76 31.57 35.85
CA CYS A 62 16.58 30.81 36.78
C CYS A 62 16.91 31.75 37.94
N ASP A 63 15.99 31.80 38.89
CA ASP A 63 16.19 32.55 40.12
C ASP A 63 17.34 31.94 40.90
N ARG A 64 17.15 30.73 41.42
CA ARG A 64 18.17 30.00 42.14
C ARG A 64 18.82 28.97 41.19
N ASN A 65 20.07 28.59 41.49
CA ASN A 65 20.76 27.54 40.75
C ASN A 65 20.25 26.18 41.17
N LEU A 66 20.16 25.24 40.23
CA LEU A 66 19.68 23.89 40.56
C LEU A 66 20.59 22.80 40.03
N ALA A 67 20.60 21.70 40.77
CA ALA A 67 21.18 20.44 40.34
C ALA A 67 20.03 19.44 40.38
N MET A 68 19.48 19.10 39.23
CA MET A 68 18.36 18.16 39.17
C MET A 68 18.87 16.75 38.93
N GLY A 69 18.64 15.87 39.89
CA GLY A 69 18.78 14.46 39.64
C GLY A 69 17.59 14.00 38.81
N VAL A 70 17.84 13.44 37.63
CA VAL A 70 16.77 13.05 36.73
C VAL A 70 16.95 11.61 36.31
N ASN A 71 15.89 10.83 36.44
CA ASN A 71 15.80 9.50 35.85
C ASN A 71 15.54 9.64 34.36
N LEU A 72 16.59 9.53 33.54
CA LEU A 72 16.47 9.71 32.10
C LEU A 72 15.50 8.71 31.47
N THR A 73 15.34 7.54 32.07
CA THR A 73 14.32 6.63 31.57
C THR A 73 12.94 7.23 31.75
N SER A 74 12.66 7.75 32.95
CA SER A 74 11.37 8.41 33.17
C SER A 74 11.21 9.61 32.25
N MET A 75 12.20 10.50 32.21
CA MET A 75 12.07 11.69 31.39
C MET A 75 11.90 11.35 29.91
N SER A 76 12.52 10.28 29.44
CA SER A 76 12.34 9.97 28.03
C SER A 76 10.92 9.53 27.75
N LYS A 77 10.34 8.72 28.65
CA LYS A 77 8.97 8.25 28.48
C LYS A 77 8.00 9.42 28.39
N ILE A 78 8.13 10.36 29.33
CA ILE A 78 7.39 11.61 29.26
C ILE A 78 7.58 12.29 27.91
N LEU A 79 8.83 12.56 27.55
CA LEU A 79 9.06 13.36 26.35
C LEU A 79 8.53 12.72 25.08
N LYS A 80 8.11 11.47 25.10
CA LYS A 80 7.54 10.85 23.90
C LYS A 80 6.06 11.13 23.78
N CYS A 81 5.44 11.59 24.86
CA CYS A 81 4.08 12.12 24.83
C CYS A 81 3.98 13.48 24.14
N ALA A 82 5.09 14.11 23.82
CA ALA A 82 5.10 15.38 23.09
C ALA A 82 5.14 15.10 21.59
N GLY A 83 4.36 15.88 20.82
CA GLY A 83 4.48 15.86 19.39
C GLY A 83 5.70 16.64 18.91
N ASN A 84 6.12 16.35 17.67
CA ASN A 84 7.36 16.93 17.17
C ASN A 84 7.23 18.43 16.99
N GLU A 85 6.01 18.92 16.95
CA GLU A 85 5.74 20.33 16.80
C GLU A 85 5.39 20.99 18.12
N ASP A 86 5.12 20.21 19.16
CA ASP A 86 4.78 20.79 20.45
C ASP A 86 5.84 21.81 20.88
N ILE A 87 5.37 22.92 21.43
CA ILE A 87 6.22 23.81 22.23
C ILE A 87 6.34 23.20 23.61
N ILE A 88 7.57 22.99 24.07
CA ILE A 88 7.82 22.41 25.37
C ILE A 88 8.37 23.46 26.32
N THR A 89 7.87 23.45 27.54
CA THR A 89 8.35 24.31 28.60
C THR A 89 8.78 23.44 29.77
N LEU A 90 9.98 23.69 30.31
CA LEU A 90 10.45 23.04 31.53
C LEU A 90 10.28 23.99 32.70
N ARG A 91 9.81 23.48 33.84
CA ARG A 91 9.66 24.35 34.99
C ARG A 91 9.91 23.57 36.27
N ALA A 92 10.50 24.24 37.28
CA ALA A 92 10.78 23.62 38.56
C ALA A 92 10.84 24.68 39.66
N GLU A 93 10.56 24.26 40.90
CA GLU A 93 10.64 25.13 42.07
C GLU A 93 11.64 24.59 43.09
N ASP A 94 11.91 25.42 44.09
CA ASP A 94 13.06 25.20 44.97
C ASP A 94 12.73 24.27 46.14
N ASP A 97 12.67 19.58 43.73
CA ASP A 97 12.10 18.31 44.21
C ASP A 97 11.31 17.51 43.14
N THR A 98 10.66 18.19 42.20
CA THR A 98 10.14 17.57 40.99
C THR A 98 10.30 18.55 39.84
N LEU A 99 10.20 18.04 38.62
CA LEU A 99 10.31 18.85 37.41
C LEU A 99 9.00 18.77 36.63
N ALA A 100 8.59 19.88 36.06
CA ALA A 100 7.35 19.96 35.31
C ALA A 100 7.67 20.20 33.84
N LEU A 101 6.95 19.51 32.98
CA LEU A 101 7.09 19.63 31.53
C LEU A 101 5.73 19.98 30.96
N VAL A 102 5.69 20.87 29.96
CA VAL A 102 4.42 21.33 29.40
C VAL A 102 4.50 21.35 27.88
N PHE A 103 3.57 20.64 27.23
CA PHE A 103 3.52 20.47 25.77
C PHE A 103 2.33 21.25 25.22
N GLU A 104 2.61 22.15 24.26
CA GLU A 104 1.59 23.02 23.68
C GLU A 104 1.48 22.68 22.20
N ALA A 105 0.35 22.06 21.85
CA ALA A 105 0.15 21.49 20.51
C ALA A 105 0.12 22.54 19.41
N GLN A 108 -3.94 23.18 19.03
CA GLN A 108 -3.58 24.37 19.82
C GLN A 108 -4.50 24.51 21.03
N GLU A 109 -5.49 23.61 21.09
CA GLU A 109 -6.46 23.52 22.20
C GLU A 109 -6.28 22.24 23.00
N LYS A 110 -5.29 21.40 22.65
CA LYS A 110 -4.77 20.37 23.52
C LYS A 110 -3.54 20.91 24.25
N VAL A 111 -3.55 20.79 25.57
CA VAL A 111 -2.38 21.17 26.36
C VAL A 111 -2.12 20.12 27.45
N SER A 112 -0.89 19.62 27.47
CA SER A 112 -0.51 18.54 28.36
C SER A 112 0.46 19.07 29.42
N ASP A 113 0.29 18.62 30.68
CA ASP A 113 1.16 18.96 31.80
C ASP A 113 1.60 17.64 32.44
N TYR A 114 2.89 17.30 32.36
CA TYR A 114 3.41 16.15 33.08
C TYR A 114 4.33 16.60 34.20
N GLU A 115 4.33 15.81 35.26
CA GLU A 115 5.13 16.08 36.45
C GLU A 115 5.98 14.86 36.72
N MET A 116 7.30 15.07 36.83
CA MET A 116 8.30 14.02 37.05
C MET A 116 8.98 14.18 38.40
N LYS A 117 8.99 13.12 39.20
CA LYS A 117 9.75 13.13 40.44
C LYS A 117 11.26 13.17 40.16
N LEU A 118 11.98 13.98 40.92
CA LEU A 118 13.43 14.04 40.79
C LEU A 118 14.08 12.93 41.64
N MET A 119 15.40 13.02 41.80
CA MET A 119 16.13 12.09 42.66
C MET A 119 17.38 12.78 43.17
N ASP A 120 18.02 12.13 44.13
CA ASP A 120 19.19 12.69 44.82
C ASP A 120 20.43 12.19 44.11
N LEU A 121 20.74 12.83 42.99
CA LEU A 121 21.89 12.49 42.18
C LEU A 121 22.62 13.80 41.99
N ASP A 122 23.53 14.08 42.93
CA ASP A 122 24.36 15.29 42.90
C ASP A 122 25.82 14.88 42.89
N VAL A 123 26.51 15.24 41.80
CA VAL A 123 27.91 14.93 41.59
C VAL A 123 28.50 16.12 40.87
N GLU A 124 29.39 16.85 41.56
CA GLU A 124 29.97 18.06 40.99
C GLU A 124 30.61 17.77 39.65
N GLN A 125 30.37 18.66 38.69
CA GLN A 125 30.91 18.46 37.36
C GLN A 125 32.41 18.67 37.36
N LEU A 126 33.06 17.91 36.50
CA LEU A 126 34.48 18.10 36.26
C LEU A 126 34.66 19.21 35.23
N GLY A 127 35.82 19.85 35.28
CA GLY A 127 36.14 20.79 34.24
C GLY A 127 36.82 20.09 33.10
N ILE A 128 36.20 20.07 31.93
CA ILE A 128 36.81 19.42 30.78
C ILE A 128 37.36 20.44 29.79
N PRO A 129 38.66 20.64 29.75
CA PRO A 129 39.21 21.69 28.89
C PRO A 129 39.32 21.22 27.44
N GLU A 130 39.60 22.18 26.57
CA GLU A 130 39.90 21.84 25.19
C GLU A 130 41.23 21.14 25.12
N GLN A 131 41.30 20.08 24.34
CA GLN A 131 42.55 19.38 24.18
C GLN A 131 43.10 19.63 22.79
N GLU A 132 44.23 18.99 22.50
CA GLU A 132 44.84 19.04 21.19
C GLU A 132 44.77 17.66 20.57
N TYR A 133 44.26 17.59 19.34
CA TYR A 133 43.96 16.32 18.70
C TYR A 133 44.86 16.12 17.48
N SER A 134 45.48 14.94 17.42
CA SER A 134 46.31 14.59 16.28
C SER A 134 45.53 14.63 14.97
N CYS A 135 44.24 14.29 15.00
CA CYS A 135 43.44 14.29 13.78
C CYS A 135 42.03 14.71 14.17
N VAL A 136 41.38 15.45 13.27
CA VAL A 136 40.03 15.97 13.51
C VAL A 136 39.24 15.89 12.21
N VAL A 137 38.09 15.23 12.25
CA VAL A 137 37.31 14.91 11.07
C VAL A 137 35.91 15.48 11.22
N LYS A 138 35.45 16.20 10.20
CA LYS A 138 34.07 16.68 10.16
C LYS A 138 33.37 16.02 8.97
N MET A 139 32.34 15.22 9.24
CA MET A 139 31.62 14.47 8.24
C MET A 139 30.12 14.64 8.37
N PRO A 140 29.37 14.18 7.38
CA PRO A 140 27.91 14.05 7.57
C PRO A 140 27.59 13.05 8.68
N SER A 141 26.70 13.48 9.57
CA SER A 141 26.29 12.64 10.69
C SER A 141 25.75 11.30 10.22
N GLY A 142 24.93 11.31 9.17
CA GLY A 142 24.31 10.08 8.74
C GLY A 142 25.31 9.06 8.24
N GLU A 143 26.37 9.54 7.58
CA GLU A 143 27.38 8.63 7.08
C GLU A 143 28.13 8.01 8.24
N PHE A 144 28.50 8.83 9.22
CA PHE A 144 29.14 8.29 10.41
C PHE A 144 28.27 7.22 11.03
N ALA A 145 26.96 7.48 11.13
CA ALA A 145 26.02 6.51 11.67
C ALA A 145 26.03 5.22 10.87
N ARG A 146 25.98 5.34 9.53
CA ARG A 146 25.88 4.16 8.68
C ARG A 146 27.14 3.32 8.80
N ILE A 147 28.32 3.97 8.72
CA ILE A 147 29.60 3.27 8.88
C ILE A 147 29.65 2.47 10.19
N CYS A 148 29.33 3.11 11.31
CA CYS A 148 29.38 2.39 12.59
C CYS A 148 28.39 1.23 12.62
N ARG A 149 27.20 1.43 12.03
CA ARG A 149 26.24 0.34 12.02
C ARG A 149 26.73 -0.78 11.14
N ASP A 150 27.29 -0.44 9.97
CA ASP A 150 27.79 -1.47 9.06
C ASP A 150 28.86 -2.30 9.73
N LEU A 151 29.89 -1.64 10.24
CA LEU A 151 31.05 -2.37 10.75
C LEU A 151 30.72 -3.17 11.99
N SER A 152 29.68 -2.78 12.74
CA SER A 152 29.34 -3.54 13.93
C SER A 152 28.71 -4.88 13.59
N HIS A 153 28.24 -5.03 12.36
CA HIS A 153 27.85 -6.32 11.80
C HIS A 153 29.04 -7.13 11.33
N ILE A 154 30.26 -6.61 11.50
CA ILE A 154 31.48 -7.30 11.11
C ILE A 154 32.32 -7.65 12.33
N GLY A 155 32.37 -6.75 13.31
CA GLY A 155 33.13 -6.96 14.51
C GLY A 155 32.65 -6.06 15.62
N ASP A 156 33.29 -6.22 16.77
CA ASP A 156 32.98 -5.50 18.00
C ASP A 156 33.64 -4.14 18.10
N ALA A 157 34.76 -3.95 17.41
CA ALA A 157 35.62 -2.79 17.54
C ALA A 157 35.90 -2.19 16.18
N VAL A 158 36.13 -0.88 16.15
CA VAL A 158 36.50 -0.18 14.91
C VAL A 158 37.87 0.45 15.11
N VAL A 159 38.69 0.37 14.07
CA VAL A 159 40.00 1.02 14.06
C VAL A 159 39.87 2.23 13.16
N ILE A 160 40.09 3.42 13.73
CA ILE A 160 40.06 4.67 12.99
C ILE A 160 41.49 5.17 12.80
N SER A 161 41.77 5.72 11.62
CA SER A 161 43.12 6.20 11.29
C SER A 161 43.06 7.30 10.25
N CYS A 162 44.06 8.20 10.24
CA CYS A 162 44.08 9.29 9.28
C CYS A 162 45.37 9.29 8.45
N ALA A 163 45.23 9.74 7.19
CA ALA A 163 46.35 10.00 6.26
C ALA A 163 45.85 10.62 4.94
N VAL A 167 41.04 9.21 5.79
CA VAL A 167 40.57 8.49 7.00
C VAL A 167 39.89 7.14 6.70
N LYS A 168 40.25 6.14 7.51
CA LYS A 168 39.90 4.75 7.26
C LYS A 168 39.30 4.14 8.53
N PHE A 169 38.18 3.43 8.36
CA PHE A 169 37.48 2.76 9.46
C PHE A 169 37.54 1.27 9.18
N SER A 170 38.10 0.50 10.10
CA SER A 170 38.35 -0.91 9.85
C SER A 170 37.74 -1.74 10.96
N ALA A 171 37.20 -2.90 10.59
CA ALA A 171 36.67 -3.85 11.56
C ALA A 171 37.07 -5.26 11.13
N SER A 172 37.19 -6.14 12.12
CA SER A 172 37.60 -7.52 11.88
C SER A 172 36.89 -8.46 12.83
N GLY A 173 36.37 -9.55 12.28
CA GLY A 173 35.62 -10.47 13.10
C GLY A 173 35.64 -11.87 12.54
N GLU A 174 34.74 -12.71 13.08
CA GLU A 174 34.69 -14.13 12.74
C GLU A 174 34.19 -14.34 11.31
N LEU A 175 33.53 -13.33 10.76
CA LEU A 175 32.94 -13.39 9.44
C LEU A 175 33.96 -13.07 8.35
N GLY A 176 34.89 -12.18 8.66
CA GLY A 176 35.80 -11.59 7.71
C GLY A 176 36.22 -10.24 8.24
N ASN A 177 36.70 -9.37 7.35
CA ASN A 177 37.09 -8.03 7.76
C ASN A 177 36.58 -7.05 6.73
N GLY A 178 36.54 -5.79 7.12
CA GLY A 178 36.11 -4.75 6.21
C GLY A 178 36.73 -3.43 6.58
N ASN A 179 36.83 -2.53 5.60
CA ASN A 179 37.26 -1.18 5.88
C ASN A 179 36.73 -0.20 4.85
N ILE A 180 36.42 0.99 5.36
CA ILE A 180 35.78 2.06 4.63
C ILE A 180 36.76 3.22 4.59
N LYS A 181 37.03 3.74 3.40
CA LYS A 181 37.91 4.88 3.22
C LYS A 181 37.05 6.08 2.90
N LEU A 182 37.16 7.14 3.69
CA LEU A 182 36.61 8.44 3.34
C LEU A 182 37.70 9.40 2.94
N SER A 183 37.43 10.18 1.91
CA SER A 183 38.39 11.10 1.31
C SER A 183 38.01 12.54 1.61
N GLN A 184 39.02 13.39 1.83
CA GLN A 184 38.82 14.81 2.05
C GLN A 184 38.10 15.50 0.88
N THR A 185 36.98 16.18 1.16
CA THR A 185 36.35 17.10 0.19
C THR A 185 36.38 18.57 0.65
N GLU A 193 26.86 16.76 2.36
CA GLU A 193 27.77 17.57 3.17
C GLU A 193 29.25 17.27 2.84
N ALA A 194 30.15 18.12 3.34
CA ALA A 194 31.57 17.97 3.08
C ALA A 194 32.20 16.98 4.05
N VAL A 195 33.47 16.67 3.81
CA VAL A 195 34.34 15.86 4.68
C VAL A 195 35.65 16.62 4.85
N THR A 196 36.09 16.80 6.10
CA THR A 196 37.20 17.71 6.38
C THR A 196 38.14 17.10 7.41
N ILE A 197 39.43 17.00 7.08
CA ILE A 197 40.42 16.33 7.90
C ILE A 197 41.59 17.24 8.26
N GLU A 198 41.46 18.03 9.32
CA GLU A 198 42.65 18.65 9.89
C GLU A 198 43.45 17.55 10.57
N MET A 199 44.73 17.39 10.16
CA MET A 199 45.49 16.18 10.49
C MET A 199 46.91 16.59 10.86
N ASN A 200 47.07 17.17 12.03
CA ASN A 200 48.43 17.60 12.29
C ASN A 200 49.44 16.38 12.62
N GLU A 201 49.07 15.12 12.34
CA GLU A 201 49.68 13.92 12.92
C GLU A 201 48.95 12.68 12.40
N PRO A 202 49.64 11.64 11.93
CA PRO A 202 48.95 10.35 11.79
C PRO A 202 48.59 9.80 13.16
N VAL A 203 47.37 9.28 13.26
CA VAL A 203 46.87 8.74 14.52
C VAL A 203 46.01 7.52 14.19
N GLN A 204 46.17 6.46 14.95
CA GLN A 204 45.33 5.27 14.74
C GLN A 204 44.92 4.72 16.10
N LEU A 205 43.61 4.67 16.35
CA LEU A 205 43.08 4.14 17.60
C LEU A 205 41.90 3.22 17.34
N THR A 206 41.50 2.53 18.41
CA THR A 206 40.53 1.45 18.36
C THR A 206 39.43 1.72 19.37
N PHE A 207 38.17 1.67 18.92
CA PHE A 207 37.03 2.01 19.77
C PHE A 207 35.99 0.91 19.75
N ALA A 208 35.31 0.77 20.89
CA ALA A 208 34.16 -0.14 21.03
C ALA A 208 32.94 0.38 20.26
N LEU A 209 32.54 -0.33 19.20
CA LEU A 209 31.41 0.09 18.38
C LEU A 209 30.09 0.15 19.17
N ARG A 210 30.01 -0.57 20.30
CA ARG A 210 28.80 -0.51 21.10
C ARG A 210 28.54 0.92 21.55
N TYR A 211 29.59 1.61 22.01
CA TYR A 211 29.41 2.96 22.51
C TYR A 211 29.26 3.97 21.39
N LEU A 212 29.99 3.77 20.29
CA LEU A 212 29.77 4.62 19.14
C LEU A 212 28.32 4.53 18.68
N ASN A 213 27.77 3.32 18.65
CA ASN A 213 26.40 3.21 18.18
C ASN A 213 25.43 3.84 19.16
N PHE A 214 25.74 3.84 20.45
CA PHE A 214 24.95 4.68 21.35
C PHE A 214 25.08 6.14 20.96
N PHE A 215 26.29 6.56 20.60
CA PHE A 215 26.52 7.98 20.38
C PHE A 215 25.68 8.45 19.21
N THR A 216 25.71 7.70 18.11
CA THR A 216 25.01 8.09 16.90
C THR A 216 23.51 8.24 17.11
N LYS A 217 22.97 7.90 18.28
CA LYS A 217 21.56 8.19 18.51
C LYS A 217 21.29 9.70 18.56
N ALA A 218 22.32 10.54 18.53
CA ALA A 218 22.14 11.97 18.43
C ALA A 218 22.16 12.45 17.00
N THR A 219 22.24 11.53 16.04
CA THR A 219 22.25 11.92 14.62
C THR A 219 21.13 12.89 14.26
N PRO A 220 19.86 12.71 14.70
CA PRO A 220 18.81 13.68 14.35
C PRO A 220 19.16 15.12 14.71
N LEU A 221 20.02 15.35 15.69
CA LEU A 221 20.23 16.70 16.17
C LEU A 221 21.09 17.57 15.26
N SER A 222 21.77 16.98 14.26
CA SER A 222 22.60 17.77 13.34
C SER A 222 22.99 16.92 12.13
N SER A 223 23.23 17.60 11.01
CA SER A 223 23.63 16.92 9.77
C SER A 223 25.10 16.58 9.74
N THR A 224 25.86 17.09 10.68
CA THR A 224 27.29 16.98 10.66
C THR A 224 27.74 16.53 12.05
N VAL A 225 28.83 15.76 12.08
CA VAL A 225 29.44 15.29 13.32
C VAL A 225 30.95 15.52 13.23
N THR A 226 31.56 15.83 14.36
CA THR A 226 32.97 16.14 14.43
C THR A 226 33.65 15.10 15.32
N LEU A 227 34.63 14.38 14.75
CA LEU A 227 35.43 13.40 15.47
C LEU A 227 36.81 14.00 15.75
N SER A 228 37.20 14.04 17.02
CA SER A 228 38.52 14.50 17.44
C SER A 228 39.24 13.33 18.07
N MET A 229 40.41 12.96 17.52
CA MET A 229 41.21 11.86 18.02
C MET A 229 42.60 12.30 18.38
N SER A 230 43.17 11.53 19.29
CA SER A 230 44.51 11.74 19.80
C SER A 230 44.86 10.52 20.64
N ALA A 231 46.12 10.11 20.58
CA ALA A 231 46.49 8.94 21.36
C ALA A 231 46.57 9.26 22.84
N ASP A 232 46.45 10.52 23.24
CA ASP A 232 46.64 10.91 24.63
C ASP A 232 45.34 11.19 25.36
N VAL A 233 44.22 11.28 24.64
CA VAL A 233 42.95 11.72 25.21
C VAL A 233 41.83 10.94 24.58
N PRO A 234 40.72 10.79 25.31
CA PRO A 234 39.52 10.15 24.74
C PRO A 234 39.15 10.77 23.41
N LEU A 235 38.59 9.94 22.54
CA LEU A 235 37.94 10.42 21.32
C LEU A 235 36.77 11.32 21.68
N VAL A 236 36.49 12.30 20.83
CA VAL A 236 35.34 13.17 21.05
C VAL A 236 34.44 13.12 19.84
N VAL A 237 33.19 12.72 20.05
CA VAL A 237 32.16 12.75 19.03
C VAL A 237 31.20 13.88 19.40
N GLU A 238 31.07 14.87 18.51
CA GLU A 238 30.38 16.11 18.81
C GLU A 238 29.28 16.39 17.80
N TYR A 239 28.05 16.59 18.31
CA TYR A 239 26.91 17.07 17.52
C TYR A 239 26.55 18.47 18.01
N LYS A 240 26.58 19.46 17.11
CA LYS A 240 26.09 20.80 17.43
C LYS A 240 24.55 20.80 17.45
N ILE A 241 23.97 21.34 18.52
CA ILE A 241 22.54 21.63 18.58
C ILE A 241 22.37 23.09 18.16
N ALA A 242 21.98 23.29 16.89
CA ALA A 242 21.96 24.61 16.26
C ALA A 242 21.30 25.66 17.15
N ASP A 243 21.99 26.79 17.30
CA ASP A 243 21.58 27.97 18.05
C ASP A 243 21.57 27.77 19.55
N MET A 244 22.02 26.64 20.06
CA MET A 244 21.74 26.37 21.46
C MET A 244 22.85 25.62 22.17
N GLY A 245 23.65 24.80 21.49
CA GLY A 245 24.77 24.20 22.17
C GLY A 245 25.22 22.95 21.46
N HIS A 246 25.49 21.90 22.22
CA HIS A 246 26.09 20.72 21.60
C HIS A 246 25.78 19.53 22.49
N LEU A 247 25.89 18.35 21.88
CA LEU A 247 26.03 17.08 22.58
C LEU A 247 27.42 16.55 22.27
N LYS A 248 28.22 16.34 23.31
CA LYS A 248 29.61 15.89 23.16
C LYS A 248 29.72 14.53 23.83
N TYR A 249 30.16 13.53 23.08
CA TYR A 249 30.40 12.19 23.61
C TYR A 249 31.91 11.92 23.64
N TYR A 250 32.44 11.58 24.81
CA TYR A 250 33.86 11.22 24.97
C TYR A 250 34.01 9.72 25.19
N LEU A 251 34.91 9.08 24.44
CA LEU A 251 35.10 7.63 24.56
C LEU A 251 36.56 7.28 24.53
N ALA A 252 36.99 6.43 25.50
CA ALA A 252 38.33 5.91 25.72
C ALA A 252 38.61 4.74 24.76
N PRO A 253 39.81 4.67 24.19
CA PRO A 253 40.11 3.58 23.26
C PRO A 253 40.45 2.21 23.85
N LYS A 254 41.10 1.38 23.02
CA LYS A 254 41.51 -0.01 23.30
C LYS A 254 40.35 -0.85 23.86
N MET B 1 42.56 -14.75 -11.69
CA MET B 1 41.82 -13.71 -10.96
C MET B 1 40.44 -13.39 -11.53
N PHE B 2 39.46 -13.35 -10.63
CA PHE B 2 38.08 -13.09 -10.96
C PHE B 2 37.69 -11.68 -10.54
N GLU B 3 36.98 -10.95 -11.41
CA GLU B 3 36.58 -9.58 -11.09
C GLU B 3 35.35 -9.21 -11.91
N ALA B 4 34.21 -9.20 -11.26
CA ALA B 4 32.99 -8.74 -11.90
C ALA B 4 32.54 -7.48 -11.18
N ARG B 5 32.34 -6.41 -11.94
CA ARG B 5 31.90 -5.12 -11.46
C ARG B 5 30.46 -4.90 -11.91
N LEU B 6 29.55 -4.68 -10.96
CA LEU B 6 28.14 -4.45 -11.27
C LEU B 6 27.73 -3.05 -10.81
N VAL B 7 27.39 -2.19 -11.77
CA VAL B 7 26.99 -0.82 -11.43
C VAL B 7 25.65 -0.84 -10.71
N GLN B 8 24.70 -1.63 -11.20
CA GLN B 8 23.49 -1.92 -10.45
C GLN B 8 23.78 -3.00 -9.41
N GLY B 9 24.51 -2.61 -8.38
CA GLY B 9 24.90 -3.57 -7.37
C GLY B 9 23.73 -4.10 -6.58
N SER B 10 22.67 -3.31 -6.50
CA SER B 10 21.46 -3.76 -5.81
C SER B 10 21.00 -5.12 -6.30
N ILE B 11 21.35 -5.50 -7.52
CA ILE B 11 21.00 -6.82 -8.00
C ILE B 11 21.63 -7.90 -7.13
N LEU B 12 22.89 -7.72 -6.76
CA LEU B 12 23.54 -8.65 -5.85
C LEU B 12 22.87 -8.65 -4.47
N LYS B 13 22.52 -7.47 -3.97
CA LYS B 13 21.80 -7.40 -2.71
C LYS B 13 20.55 -8.27 -2.76
N LYS B 14 19.73 -8.11 -3.81
CA LYS B 14 18.45 -8.82 -3.86
C LYS B 14 18.66 -10.32 -4.08
N VAL B 15 19.60 -10.68 -4.95
CA VAL B 15 19.94 -12.09 -5.18
C VAL B 15 20.32 -12.79 -3.89
N LEU B 16 21.25 -12.20 -3.12
CA LEU B 16 21.62 -12.82 -1.84
C LEU B 16 20.44 -12.82 -0.88
N GLU B 17 19.68 -11.73 -0.86
CA GLU B 17 18.49 -11.71 -0.03
C GLU B 17 17.49 -12.79 -0.45
N ALA B 18 17.56 -13.25 -1.69
CA ALA B 18 16.64 -14.26 -2.17
C ALA B 18 17.11 -15.68 -1.88
N LEU B 19 18.40 -15.88 -1.62
CA LEU B 19 18.95 -17.20 -1.32
C LEU B 19 19.17 -17.47 0.15
N LYS B 20 19.47 -16.43 0.93
CA LYS B 20 19.94 -16.65 2.30
C LYS B 20 18.96 -17.49 3.12
N ASP B 21 17.65 -17.29 2.96
CA ASP B 21 16.72 -18.00 3.82
C ASP B 21 16.45 -19.44 3.36
N LEU B 22 16.83 -19.80 2.15
CA LEU B 22 16.70 -21.15 1.64
C LEU B 22 17.96 -21.97 1.92
N ILE B 23 19.12 -21.48 1.51
CA ILE B 23 20.38 -22.20 1.65
C ILE B 23 21.36 -21.34 2.45
N ASN B 24 22.28 -22.02 3.16
CA ASN B 24 23.29 -21.33 3.93
C ASN B 24 24.63 -21.28 3.24
N GLU B 25 24.82 -22.08 2.20
CA GLU B 25 26.07 -22.16 1.48
C GLU B 25 25.75 -22.63 0.08
N ALA B 26 26.72 -22.48 -0.81
CA ALA B 26 26.56 -22.94 -2.17
C ALA B 26 27.91 -22.85 -2.83
N CYS B 27 28.14 -23.71 -3.81
CA CYS B 27 29.29 -23.52 -4.66
C CYS B 27 28.86 -22.59 -5.78
N TRP B 28 29.60 -21.50 -5.94
CA TRP B 28 29.46 -20.60 -7.08
C TRP B 28 30.42 -21.06 -8.18
N ASP B 29 29.89 -21.24 -9.37
CA ASP B 29 30.66 -21.69 -10.52
C ASP B 29 31.00 -20.47 -11.38
N ILE B 30 32.24 -20.03 -11.28
CA ILE B 30 32.74 -18.86 -11.98
C ILE B 30 33.50 -19.32 -13.23
N SER B 31 32.99 -18.95 -14.41
CA SER B 31 33.67 -19.22 -15.68
C SER B 31 33.63 -17.97 -16.57
N SER B 32 34.21 -18.10 -17.77
CA SER B 32 34.18 -16.99 -18.72
C SER B 32 32.76 -16.64 -19.13
N SER B 33 31.84 -17.61 -19.14
CA SER B 33 30.46 -17.29 -19.52
C SER B 33 29.70 -16.58 -18.40
N GLY B 34 30.23 -16.59 -17.16
CA GLY B 34 29.58 -15.87 -16.11
C GLY B 34 29.45 -16.71 -14.87
N VAL B 35 28.45 -16.38 -14.06
CA VAL B 35 28.27 -16.96 -12.74
C VAL B 35 27.11 -17.94 -12.77
N ASN B 36 27.35 -19.13 -12.23
CA ASN B 36 26.33 -20.16 -12.23
C ASN B 36 26.30 -20.81 -10.86
N LEU B 37 25.14 -20.84 -10.24
CA LEU B 37 25.00 -21.37 -8.89
C LEU B 37 23.92 -22.43 -8.89
N GLN B 38 24.24 -23.58 -8.29
CA GLN B 38 23.29 -24.70 -8.19
C GLN B 38 23.39 -25.25 -6.80
N SER B 39 22.35 -25.07 -6.00
CA SER B 39 22.40 -25.51 -4.62
C SER B 39 21.03 -26.05 -4.23
N MET B 40 21.04 -27.01 -3.31
CA MET B 40 19.85 -27.64 -2.78
C MET B 40 19.72 -27.35 -1.31
N ASP B 41 18.48 -27.27 -0.83
CA ASP B 41 18.32 -27.00 0.59
C ASP B 41 18.61 -28.28 1.39
N SER B 42 18.88 -28.10 2.68
CA SER B 42 19.43 -29.21 3.45
C SER B 42 18.47 -30.37 3.56
N SER B 43 17.20 -30.17 3.25
CA SER B 43 16.22 -31.24 3.20
C SER B 43 16.18 -31.94 1.86
N HIS B 44 16.88 -31.40 0.87
CA HIS B 44 16.97 -32.00 -0.44
C HIS B 44 15.62 -32.08 -1.14
N VAL B 45 14.68 -31.20 -0.81
CA VAL B 45 13.41 -31.16 -1.53
C VAL B 45 13.32 -29.98 -2.49
N SER B 46 14.34 -29.11 -2.52
CA SER B 46 14.28 -27.98 -3.44
C SER B 46 15.68 -27.65 -3.95
N LEU B 47 15.70 -27.07 -5.14
CA LEU B 47 16.93 -26.74 -5.84
C LEU B 47 16.81 -25.34 -6.41
N VAL B 48 17.78 -24.48 -6.11
CA VAL B 48 17.81 -23.12 -6.66
C VAL B 48 18.96 -23.02 -7.65
N GLN B 49 18.70 -22.36 -8.78
CA GLN B 49 19.67 -22.22 -9.86
C GLN B 49 19.77 -20.75 -10.25
N LEU B 50 20.98 -20.18 -10.13
CA LEU B 50 21.22 -18.78 -10.42
C LEU B 50 22.10 -18.64 -11.65
N THR B 51 21.68 -17.80 -12.58
CA THR B 51 22.47 -17.45 -13.76
C THR B 51 22.66 -15.94 -13.79
N LEU B 52 23.91 -15.51 -13.74
CA LEU B 52 24.28 -14.14 -14.07
C LEU B 52 25.38 -14.19 -15.13
N ARG B 53 25.03 -13.84 -16.37
CA ARG B 53 25.96 -13.92 -17.49
C ARG B 53 27.01 -12.81 -17.42
N SER B 54 28.15 -13.05 -18.08
CA SER B 54 29.21 -12.03 -18.07
C SER B 54 28.78 -10.74 -18.78
N GLU B 55 28.10 -10.87 -19.93
CA GLU B 55 27.64 -9.70 -20.68
C GLU B 55 26.67 -8.86 -19.86
N GLY B 56 26.02 -9.44 -18.86
CA GLY B 56 25.22 -8.67 -17.94
C GLY B 56 26.00 -7.85 -16.94
N PHE B 57 27.30 -8.11 -16.80
CA PHE B 57 28.15 -7.32 -15.94
C PHE B 57 28.79 -6.17 -16.72
N ASP B 58 29.20 -5.13 -15.98
CA ASP B 58 29.83 -3.96 -16.59
C ASP B 58 31.27 -4.23 -17.01
N THR B 59 32.05 -4.84 -16.13
CA THR B 59 33.26 -5.55 -16.53
C THR B 59 33.20 -6.97 -16.00
N TYR B 60 33.70 -7.91 -16.78
CA TYR B 60 33.81 -9.29 -16.33
C TYR B 60 35.15 -9.85 -16.76
N ARG B 61 35.99 -10.18 -15.78
CA ARG B 61 37.29 -10.80 -16.01
C ARG B 61 37.35 -12.14 -15.28
N CYS B 62 37.65 -13.21 -16.03
CA CYS B 62 37.83 -14.56 -15.46
C CYS B 62 39.07 -15.20 -16.08
N ASP B 63 40.19 -15.18 -15.33
CA ASP B 63 41.45 -15.66 -15.88
C ASP B 63 41.56 -17.16 -15.78
N ARG B 64 40.74 -17.77 -14.93
CA ARG B 64 40.83 -19.16 -14.52
C ARG B 64 39.46 -19.55 -13.98
N ASN B 65 39.02 -20.76 -14.31
CA ASN B 65 37.73 -21.22 -13.81
C ASN B 65 37.79 -21.43 -12.30
N LEU B 66 36.67 -21.16 -11.62
CA LEU B 66 36.56 -21.22 -10.17
C LEU B 66 35.37 -22.07 -9.75
N ALA B 67 35.48 -22.65 -8.56
CA ALA B 67 34.37 -23.20 -7.80
C ALA B 67 34.49 -22.61 -6.40
N MET B 68 33.88 -21.45 -6.17
CA MET B 68 33.94 -20.84 -4.84
C MET B 68 32.91 -21.48 -3.92
N GLY B 69 33.38 -22.01 -2.80
CA GLY B 69 32.45 -22.37 -1.74
C GLY B 69 32.17 -21.14 -0.91
N VAL B 70 30.95 -20.65 -0.93
CA VAL B 70 30.63 -19.41 -0.25
C VAL B 70 29.67 -19.69 0.88
N ASN B 71 29.93 -19.09 2.03
CA ASN B 71 28.97 -19.06 3.14
C ASN B 71 27.93 -18.00 2.82
N LEU B 72 26.75 -18.43 2.36
CA LEU B 72 25.71 -17.50 1.98
C LEU B 72 25.21 -16.69 3.16
N THR B 73 25.39 -17.17 4.39
CA THR B 73 25.00 -16.33 5.52
C THR B 73 25.99 -15.19 5.71
N SER B 74 27.28 -15.48 5.57
CA SER B 74 28.27 -14.42 5.62
C SER B 74 28.07 -13.40 4.49
N MET B 75 27.86 -13.88 3.25
CA MET B 75 27.85 -12.95 2.11
C MET B 75 26.62 -12.02 2.14
N SER B 76 25.46 -12.56 2.52
CA SER B 76 24.32 -11.68 2.79
C SER B 76 24.68 -10.61 3.82
N LYS B 77 25.24 -11.00 4.96
CA LYS B 77 25.55 -10.05 6.02
C LYS B 77 26.46 -8.94 5.50
N ILE B 78 27.43 -9.29 4.67
CA ILE B 78 28.32 -8.28 4.10
C ILE B 78 27.56 -7.40 3.12
N LEU B 79 26.79 -8.00 2.23
CA LEU B 79 26.06 -7.22 1.24
C LEU B 79 25.06 -6.25 1.86
N LYS B 80 24.66 -6.45 3.11
CA LYS B 80 23.79 -5.45 3.71
C LYS B 80 24.53 -4.16 4.02
N CYS B 81 25.85 -4.20 4.05
CA CYS B 81 26.64 -2.98 4.19
C CYS B 81 26.74 -2.19 2.90
N ALA B 82 26.14 -2.66 1.82
CA ALA B 82 26.13 -1.92 0.58
C ALA B 82 24.85 -1.13 0.49
N GLY B 83 24.95 0.11 0.04
CA GLY B 83 23.76 0.88 -0.28
C GLY B 83 23.18 0.49 -1.63
N ASN B 84 21.87 0.66 -1.77
CA ASN B 84 21.24 0.14 -2.97
C ASN B 84 21.72 0.83 -4.24
N GLU B 85 22.34 2.01 -4.13
CA GLU B 85 22.85 2.68 -5.32
C GLU B 85 24.31 2.36 -5.60
N ASP B 86 24.99 1.68 -4.67
CA ASP B 86 26.42 1.41 -4.79
C ASP B 86 26.76 0.58 -6.02
N ILE B 87 27.93 0.86 -6.59
CA ILE B 87 28.58 -0.05 -7.52
C ILE B 87 29.26 -1.13 -6.71
N ILE B 88 29.00 -2.40 -7.03
CA ILE B 88 29.49 -3.53 -6.26
C ILE B 88 30.41 -4.37 -7.13
N THR B 89 31.56 -4.71 -6.58
CA THR B 89 32.56 -5.47 -7.32
C THR B 89 32.94 -6.69 -6.49
N LEU B 90 32.85 -7.86 -7.10
CA LEU B 90 33.33 -9.09 -6.48
C LEU B 90 34.68 -9.44 -7.10
N ARG B 91 35.61 -9.88 -6.26
CA ARG B 91 36.98 -10.11 -6.73
C ARG B 91 37.63 -11.21 -5.92
N ALA B 92 38.33 -12.12 -6.60
CA ALA B 92 39.01 -13.23 -5.95
C ALA B 92 40.29 -13.54 -6.70
N GLU B 93 41.42 -13.50 -5.98
CA GLU B 93 42.74 -13.90 -6.50
C GLU B 93 42.69 -15.10 -7.48
N ASP B 97 40.84 -19.90 0.01
CA ASP B 97 41.22 -18.49 -0.17
C ASP B 97 40.11 -17.56 0.30
N THR B 98 39.95 -16.41 -0.34
CA THR B 98 38.98 -15.43 0.12
C THR B 98 38.26 -14.78 -1.06
N LEU B 99 37.10 -14.21 -0.75
CA LEU B 99 36.31 -13.42 -1.70
C LEU B 99 36.23 -11.97 -1.25
N ALA B 100 36.47 -11.06 -2.18
CA ALA B 100 36.52 -9.64 -1.89
C ALA B 100 35.31 -8.96 -2.51
N LEU B 101 34.67 -8.11 -1.73
CA LEU B 101 33.53 -7.34 -2.19
C LEU B 101 33.88 -5.86 -2.03
N VAL B 102 33.65 -5.08 -3.10
CA VAL B 102 33.95 -3.65 -3.12
C VAL B 102 32.67 -2.88 -3.36
N PHE B 103 32.43 -1.86 -2.51
CA PHE B 103 31.24 -1.02 -2.60
C PHE B 103 31.64 0.42 -2.86
N GLU B 104 31.12 0.98 -3.94
CA GLU B 104 31.50 2.31 -4.40
C GLU B 104 30.25 3.16 -4.45
N ALA B 105 30.24 4.23 -3.64
CA ALA B 105 29.04 5.04 -3.44
C ALA B 105 28.65 5.90 -4.64
N ASN B 107 29.75 10.49 -7.45
CA ASN B 107 29.95 9.12 -7.08
C ASN B 107 31.17 9.00 -6.18
N GLN B 108 31.29 7.87 -5.50
CA GLN B 108 32.51 7.42 -4.82
C GLN B 108 32.81 7.97 -3.43
N GLU B 109 32.12 9.03 -3.00
CA GLU B 109 32.30 9.67 -1.69
C GLU B 109 32.91 8.74 -0.61
N LYS B 110 32.24 7.62 -0.38
CA LYS B 110 32.69 6.52 0.48
C LYS B 110 33.05 5.35 -0.43
N VAL B 111 34.10 4.63 -0.07
CA VAL B 111 34.49 3.42 -0.79
C VAL B 111 34.79 2.33 0.25
N SER B 112 34.08 1.20 0.14
CA SER B 112 34.09 0.13 1.13
C SER B 112 34.68 -1.14 0.55
N ASP B 113 35.57 -1.79 1.32
CA ASP B 113 36.23 -3.05 0.96
C ASP B 113 35.93 -4.07 2.04
N TYR B 114 35.32 -5.19 1.65
CA TYR B 114 35.04 -6.30 2.57
C TYR B 114 35.68 -7.59 2.05
N GLU B 115 36.11 -8.43 2.99
CA GLU B 115 36.82 -9.66 2.70
C GLU B 115 36.18 -10.81 3.48
N MET B 116 35.94 -11.93 2.78
CA MET B 116 35.21 -13.07 3.32
C MET B 116 36.02 -14.34 3.14
N LYS B 117 35.98 -15.23 4.13
CA LYS B 117 36.65 -16.51 4.02
C LYS B 117 35.83 -17.46 3.13
N LEU B 118 36.50 -18.13 2.19
CA LEU B 118 35.84 -19.16 1.38
C LEU B 118 35.74 -20.46 2.15
N MET B 119 35.19 -21.49 1.52
CA MET B 119 35.13 -22.78 2.20
C MET B 119 35.21 -23.89 1.17
N ASP B 120 35.45 -25.09 1.65
CA ASP B 120 35.59 -26.22 0.75
C ASP B 120 34.18 -26.77 0.49
N LEU B 121 33.61 -26.41 -0.66
CA LEU B 121 32.27 -26.85 -1.02
C LEU B 121 32.23 -26.88 -2.55
N ASP B 122 32.38 -28.07 -3.10
CA ASP B 122 32.47 -28.21 -4.54
C ASP B 122 31.75 -29.51 -4.90
N VAL B 123 30.52 -29.38 -5.34
CA VAL B 123 29.80 -30.44 -5.99
C VAL B 123 29.72 -30.05 -7.45
N GLU B 124 29.60 -31.02 -8.33
CA GLU B 124 29.48 -30.73 -9.75
C GLU B 124 28.03 -30.47 -10.12
N GLN B 125 27.79 -29.41 -10.88
CA GLN B 125 26.43 -29.10 -11.32
C GLN B 125 25.89 -30.24 -12.18
N LEU B 126 24.58 -30.34 -12.28
CA LEU B 126 23.95 -31.35 -13.12
C LEU B 126 23.16 -30.73 -14.25
N GLY B 127 23.04 -31.47 -15.34
CA GLY B 127 22.31 -30.97 -16.48
C GLY B 127 20.82 -30.97 -16.26
N ILE B 128 20.23 -29.84 -15.87
CA ILE B 128 18.78 -29.76 -15.92
C ILE B 128 18.42 -29.40 -17.35
N PRO B 129 17.72 -30.26 -18.07
CA PRO B 129 17.27 -29.91 -19.42
C PRO B 129 15.90 -29.25 -19.44
N GLU B 130 15.62 -28.59 -20.55
CA GLU B 130 14.35 -27.90 -20.71
C GLU B 130 13.24 -28.93 -20.75
N GLN B 131 12.57 -29.15 -19.60
CA GLN B 131 11.47 -30.09 -19.59
C GLN B 131 10.28 -29.52 -20.35
N GLU B 132 9.25 -30.36 -20.49
CA GLU B 132 7.98 -29.95 -21.07
C GLU B 132 6.92 -29.95 -19.98
N TYR B 133 6.14 -28.86 -19.92
CA TYR B 133 5.23 -28.65 -18.80
C TYR B 133 3.78 -28.62 -19.26
N SER B 134 2.90 -29.13 -18.40
CA SER B 134 1.47 -29.19 -18.69
C SER B 134 0.75 -27.85 -18.53
N CYS B 135 1.29 -26.92 -17.73
CA CYS B 135 0.66 -25.63 -17.47
C CYS B 135 1.75 -24.65 -17.10
N VAL B 136 1.73 -23.45 -17.68
CA VAL B 136 2.75 -22.42 -17.43
C VAL B 136 2.05 -21.10 -17.12
N VAL B 137 2.12 -20.67 -15.88
CA VAL B 137 1.46 -19.45 -15.43
C VAL B 137 2.49 -18.35 -15.31
N LYS B 138 2.30 -17.25 -16.03
CA LYS B 138 3.10 -16.05 -15.83
C LYS B 138 2.21 -14.99 -15.18
N MET B 139 2.65 -14.40 -14.07
CA MET B 139 1.82 -13.43 -13.36
C MET B 139 2.62 -12.35 -12.65
N PRO B 140 1.96 -11.38 -12.02
CA PRO B 140 2.69 -10.49 -11.11
C PRO B 140 3.34 -11.28 -9.99
N SER B 141 4.64 -11.07 -9.84
CA SER B 141 5.35 -11.59 -8.68
C SER B 141 4.64 -11.22 -7.38
N GLY B 142 4.32 -9.94 -7.22
CA GLY B 142 3.73 -9.48 -5.97
C GLY B 142 2.44 -10.19 -5.65
N GLU B 143 1.64 -10.49 -6.67
CA GLU B 143 0.42 -11.25 -6.43
C GLU B 143 0.74 -12.67 -5.99
N PHE B 144 1.74 -13.29 -6.63
CA PHE B 144 2.08 -14.66 -6.26
C PHE B 144 2.61 -14.72 -4.84
N ALA B 145 3.35 -13.68 -4.43
CA ALA B 145 3.82 -13.61 -3.06
C ALA B 145 2.65 -13.47 -2.09
N ARG B 146 1.65 -12.65 -2.47
CA ARG B 146 0.50 -12.43 -1.58
C ARG B 146 -0.34 -13.69 -1.44
N ILE B 147 -0.61 -14.38 -2.54
CA ILE B 147 -1.33 -15.64 -2.48
C ILE B 147 -0.63 -16.62 -1.54
N CYS B 148 0.69 -16.78 -1.71
CA CYS B 148 1.43 -17.70 -0.84
C CYS B 148 1.42 -17.22 0.61
N ARG B 149 1.67 -15.94 0.84
CA ARG B 149 1.60 -15.42 2.20
C ARG B 149 0.21 -15.66 2.78
N ASP B 150 -0.83 -15.26 2.03
CA ASP B 150 -2.19 -15.37 2.54
C ASP B 150 -2.53 -16.81 2.88
N LEU B 151 -2.37 -17.72 1.92
CA LEU B 151 -2.74 -19.12 2.14
C LEU B 151 -1.94 -19.76 3.25
N SER B 152 -0.72 -19.30 3.51
CA SER B 152 0.07 -19.95 4.55
C SER B 152 -0.46 -19.68 5.96
N HIS B 153 -1.38 -18.72 6.13
CA HIS B 153 -2.08 -18.59 7.41
C HIS B 153 -3.30 -19.50 7.51
N ILE B 154 -3.71 -20.11 6.40
CA ILE B 154 -4.81 -21.07 6.40
C ILE B 154 -4.29 -22.50 6.54
N GLY B 155 -3.23 -22.84 5.80
CA GLY B 155 -2.70 -24.18 5.83
C GLY B 155 -1.21 -24.27 5.60
N ASP B 156 -0.72 -25.50 5.61
CA ASP B 156 0.70 -25.74 5.37
C ASP B 156 1.01 -25.90 3.90
N ALA B 157 0.03 -26.34 3.12
CA ALA B 157 0.23 -26.77 1.75
C ALA B 157 -0.75 -26.04 0.87
N VAL B 158 -0.31 -25.67 -0.31
CA VAL B 158 -1.16 -25.11 -1.34
C VAL B 158 -1.35 -26.16 -2.41
N VAL B 159 -2.58 -26.30 -2.88
CA VAL B 159 -2.89 -27.11 -4.05
C VAL B 159 -3.02 -26.16 -5.23
N ILE B 160 -2.16 -26.29 -6.21
CA ILE B 160 -2.25 -25.48 -7.43
C ILE B 160 -2.85 -26.34 -8.54
N SER B 161 -3.69 -25.73 -9.37
CA SER B 161 -4.36 -26.45 -10.43
C SER B 161 -4.72 -25.53 -11.59
N CYS B 162 -4.76 -26.09 -12.81
CA CYS B 162 -5.12 -25.30 -13.99
C CYS B 162 -6.45 -25.71 -14.65
N GLY B 166 -8.37 -21.13 -16.62
CA GLY B 166 -8.18 -20.57 -15.29
C GLY B 166 -7.23 -21.34 -14.36
N VAL B 167 -6.73 -20.67 -13.30
CA VAL B 167 -5.79 -21.25 -12.34
C VAL B 167 -6.22 -20.95 -10.89
N LYS B 168 -6.04 -21.93 -10.01
CA LYS B 168 -6.63 -21.91 -8.68
C LYS B 168 -5.64 -22.43 -7.63
N PHE B 169 -5.53 -21.69 -6.53
CA PHE B 169 -4.66 -22.02 -5.41
C PHE B 169 -5.54 -22.35 -4.20
N SER B 170 -5.33 -23.52 -3.60
CA SER B 170 -6.22 -23.99 -2.54
C SER B 170 -5.40 -24.34 -1.30
N ALA B 171 -5.98 -24.09 -0.13
CA ALA B 171 -5.31 -24.45 1.11
C ALA B 171 -6.36 -24.71 2.16
N SER B 172 -6.03 -25.64 3.06
CA SER B 172 -7.02 -26.19 3.95
C SER B 172 -6.36 -26.36 5.29
N GLY B 173 -7.03 -25.93 6.35
CA GLY B 173 -6.44 -26.08 7.64
C GLY B 173 -7.45 -26.06 8.76
N GLU B 174 -6.92 -25.86 9.95
CA GLU B 174 -7.73 -25.91 11.17
C GLU B 174 -8.82 -24.84 11.16
N LEU B 175 -8.52 -23.64 10.64
CA LEU B 175 -9.52 -22.59 10.59
C LEU B 175 -10.65 -22.93 9.64
N GLY B 176 -10.31 -23.48 8.49
CA GLY B 176 -11.24 -23.58 7.39
C GLY B 176 -10.47 -23.82 6.12
N ASN B 177 -11.04 -23.33 5.02
CA ASN B 177 -10.53 -23.62 3.69
C ASN B 177 -10.54 -22.35 2.88
N GLY B 178 -9.72 -22.32 1.85
CA GLY B 178 -9.68 -21.14 1.00
C GLY B 178 -9.24 -21.48 -0.41
N ASN B 179 -9.86 -20.84 -1.40
CA ASN B 179 -9.49 -20.95 -2.80
C ASN B 179 -9.28 -19.57 -3.37
N ILE B 180 -8.20 -19.39 -4.14
CA ILE B 180 -7.93 -18.17 -4.87
C ILE B 180 -7.88 -18.54 -6.35
N LYS B 181 -8.68 -17.87 -7.18
CA LYS B 181 -8.72 -18.12 -8.61
C LYS B 181 -8.30 -16.87 -9.37
N LEU B 182 -7.27 -17.00 -10.21
CA LEU B 182 -6.87 -15.96 -11.14
C LEU B 182 -7.26 -16.39 -12.55
N SER B 183 -8.01 -15.55 -13.23
CA SER B 183 -8.30 -15.84 -14.61
C SER B 183 -7.24 -15.18 -15.45
N GLN B 184 -7.08 -15.67 -16.67
CA GLN B 184 -6.26 -14.96 -17.63
C GLN B 184 -6.79 -13.52 -17.80
N THR B 185 -5.88 -12.60 -18.12
CA THR B 185 -6.28 -11.20 -18.25
C THR B 185 -5.73 -10.58 -19.54
N GLU B 193 0.48 -5.54 -14.40
CA GLU B 193 1.03 -6.64 -15.19
C GLU B 193 -0.02 -7.76 -15.41
N ALA B 194 0.13 -8.48 -16.51
CA ALA B 194 -0.89 -9.42 -16.97
C ALA B 194 -0.73 -10.79 -16.34
N VAL B 195 -1.80 -11.57 -16.44
CA VAL B 195 -1.81 -12.99 -16.11
C VAL B 195 -2.12 -13.76 -17.39
N THR B 196 -1.22 -14.65 -17.79
CA THR B 196 -1.43 -15.49 -18.96
C THR B 196 -1.14 -16.94 -18.59
N ILE B 197 -2.13 -17.81 -18.81
CA ILE B 197 -2.10 -19.22 -18.44
C ILE B 197 -2.02 -20.03 -19.73
N GLU B 198 -0.92 -20.75 -19.94
CA GLU B 198 -0.75 -21.56 -21.15
C GLU B 198 -0.89 -23.04 -20.76
N MET B 199 -2.12 -23.54 -20.85
CA MET B 199 -2.54 -24.85 -20.32
C MET B 199 -2.47 -25.89 -21.44
N ASN B 200 -1.74 -26.98 -21.20
CA ASN B 200 -1.57 -28.05 -22.18
C ASN B 200 -2.35 -29.30 -21.81
N GLU B 201 -2.55 -29.53 -20.52
CA GLU B 201 -3.45 -30.53 -19.96
C GLU B 201 -3.56 -30.18 -18.47
N PRO B 202 -4.76 -30.23 -17.88
CA PRO B 202 -4.89 -29.82 -16.47
C PRO B 202 -3.99 -30.63 -15.55
N VAL B 203 -3.30 -29.91 -14.65
CA VAL B 203 -2.47 -30.51 -13.61
C VAL B 203 -2.99 -30.08 -12.26
N GLN B 204 -2.63 -30.86 -11.24
CA GLN B 204 -3.03 -30.57 -9.86
C GLN B 204 -1.94 -31.17 -8.98
N LEU B 205 -1.07 -30.30 -8.45
CA LEU B 205 0.01 -30.71 -7.55
C LEU B 205 -0.07 -29.95 -6.24
N THR B 206 0.28 -30.60 -5.15
CA THR B 206 0.31 -29.99 -3.84
C THR B 206 1.75 -29.64 -3.46
N PHE B 207 1.94 -28.45 -2.89
CA PHE B 207 3.27 -27.98 -2.56
C PHE B 207 3.34 -27.43 -1.15
N ALA B 208 4.49 -27.61 -0.51
CA ALA B 208 4.70 -27.05 0.82
C ALA B 208 4.75 -25.53 0.71
N LEU B 209 3.84 -24.84 1.39
CA LEU B 209 3.88 -23.38 1.32
C LEU B 209 5.17 -22.83 1.93
N ARG B 210 5.81 -23.58 2.83
CA ARG B 210 7.02 -23.10 3.50
C ARG B 210 8.13 -22.77 2.50
N TYR B 211 8.29 -23.60 1.45
CA TYR B 211 9.34 -23.32 0.47
C TYR B 211 8.91 -22.27 -0.54
N LEU B 212 7.64 -22.29 -0.94
CA LEU B 212 7.16 -21.21 -1.82
C LEU B 212 7.36 -19.85 -1.18
N ASN B 213 7.31 -19.77 0.15
CA ASN B 213 7.51 -18.47 0.75
C ASN B 213 8.98 -18.09 0.82
N PHE B 214 9.87 -19.08 0.87
CA PHE B 214 11.28 -18.82 0.60
C PHE B 214 11.45 -18.26 -0.80
N PHE B 215 10.92 -18.97 -1.79
CA PHE B 215 11.10 -18.59 -3.19
C PHE B 215 10.70 -17.14 -3.41
N THR B 216 9.57 -16.73 -2.85
CA THR B 216 9.07 -15.37 -3.07
C THR B 216 9.94 -14.28 -2.45
N LYS B 217 11.02 -14.64 -1.74
CA LYS B 217 11.96 -13.62 -1.29
C LYS B 217 12.68 -12.96 -2.46
N ALA B 218 12.71 -13.63 -3.63
CA ALA B 218 13.25 -13.08 -4.86
C ALA B 218 12.35 -12.05 -5.50
N THR B 219 11.14 -11.85 -4.99
CA THR B 219 10.17 -10.97 -5.65
C THR B 219 10.78 -9.62 -6.05
N PRO B 220 11.70 -9.00 -5.30
CA PRO B 220 12.29 -7.74 -5.77
C PRO B 220 13.08 -7.83 -7.08
N LEU B 221 13.45 -9.02 -7.57
CA LEU B 221 14.26 -9.09 -8.78
C LEU B 221 13.45 -8.89 -10.07
N SER B 222 12.15 -9.18 -10.07
CA SER B 222 11.37 -9.13 -11.30
C SER B 222 9.91 -8.85 -10.96
N SER B 223 9.24 -8.01 -11.73
CA SER B 223 7.83 -7.79 -11.43
C SER B 223 6.96 -8.94 -11.87
N THR B 224 7.55 -9.95 -12.49
CA THR B 224 6.86 -11.07 -13.09
C THR B 224 7.51 -12.35 -12.60
N VAL B 225 6.69 -13.34 -12.23
CA VAL B 225 7.19 -14.67 -11.91
C VAL B 225 6.49 -15.67 -12.82
N THR B 226 7.15 -16.80 -13.04
CA THR B 226 6.62 -17.81 -13.96
C THR B 226 6.61 -19.16 -13.26
N LEU B 227 5.41 -19.69 -13.02
CA LEU B 227 5.25 -21.04 -12.53
C LEU B 227 5.08 -22.01 -13.70
N SER B 228 5.70 -23.18 -13.59
CA SER B 228 5.64 -24.20 -14.64
C SER B 228 5.44 -25.55 -13.98
N MET B 229 4.38 -26.27 -14.35
CA MET B 229 4.05 -27.53 -13.69
C MET B 229 3.75 -28.65 -14.67
N SER B 230 4.27 -29.82 -14.35
CA SER B 230 3.82 -31.09 -14.87
C SER B 230 3.69 -32.02 -13.69
N ALA B 231 3.05 -33.16 -13.91
CA ALA B 231 2.97 -34.15 -12.85
C ALA B 231 4.21 -35.05 -12.78
N ASP B 232 5.13 -34.94 -13.73
CA ASP B 232 6.31 -35.80 -13.76
C ASP B 232 7.58 -35.11 -13.32
N VAL B 233 7.56 -33.81 -13.04
CA VAL B 233 8.78 -33.04 -12.79
C VAL B 233 8.53 -32.04 -11.67
N PRO B 234 9.60 -31.55 -11.03
CA PRO B 234 9.41 -30.55 -9.97
C PRO B 234 8.77 -29.28 -10.49
N LEU B 235 8.07 -28.59 -9.59
CA LEU B 235 7.60 -27.25 -9.89
C LEU B 235 8.79 -26.33 -10.15
N VAL B 236 8.66 -25.46 -11.15
CA VAL B 236 9.66 -24.46 -11.46
C VAL B 236 9.06 -23.08 -11.22
N VAL B 237 9.76 -22.25 -10.47
CA VAL B 237 9.35 -20.87 -10.20
C VAL B 237 10.50 -19.96 -10.60
N GLU B 238 10.31 -19.17 -11.65
CA GLU B 238 11.40 -18.46 -12.30
C GLU B 238 11.21 -16.95 -12.22
N TYR B 239 12.21 -16.26 -11.69
CA TYR B 239 12.31 -14.81 -11.77
C TYR B 239 13.48 -14.42 -12.67
N LYS B 240 13.16 -13.70 -13.75
CA LYS B 240 14.21 -13.15 -14.61
C LYS B 240 14.91 -12.00 -13.90
N ILE B 241 16.19 -11.88 -14.15
CA ILE B 241 17.03 -10.82 -13.65
C ILE B 241 17.45 -10.03 -14.89
N ALA B 242 16.72 -8.97 -15.19
CA ALA B 242 16.83 -8.27 -16.48
C ALA B 242 18.27 -8.04 -16.86
N ASP B 243 18.64 -8.51 -18.07
CA ASP B 243 19.94 -8.32 -18.72
C ASP B 243 21.00 -9.35 -18.33
N MET B 244 20.78 -10.07 -17.24
CA MET B 244 21.83 -10.92 -16.69
C MET B 244 21.48 -12.39 -16.77
N GLY B 245 20.28 -12.76 -16.35
CA GLY B 245 19.91 -14.16 -16.29
C GLY B 245 18.65 -14.36 -15.48
N HIS B 246 18.69 -15.30 -14.55
CA HIS B 246 17.46 -15.71 -13.87
C HIS B 246 17.80 -16.28 -12.51
N LEU B 247 16.75 -16.45 -11.73
CA LEU B 247 16.75 -17.23 -10.50
C LEU B 247 15.66 -18.27 -10.68
N LYS B 248 16.02 -19.54 -10.73
CA LYS B 248 15.05 -20.61 -10.87
C LYS B 248 15.00 -21.36 -9.54
N TYR B 249 13.83 -21.36 -8.94
CA TYR B 249 13.53 -22.20 -7.78
C TYR B 249 12.79 -23.45 -8.27
N TYR B 250 13.19 -24.62 -7.77
CA TYR B 250 12.62 -25.90 -8.17
C TYR B 250 12.15 -26.63 -6.93
N LEU B 251 10.94 -27.15 -6.96
CA LEU B 251 10.37 -27.72 -5.73
C LEU B 251 9.51 -28.93 -6.04
N ALA B 252 9.76 -30.01 -5.34
CA ALA B 252 9.07 -31.29 -5.45
C ALA B 252 7.70 -31.23 -4.78
N PRO B 253 6.67 -31.89 -5.37
CA PRO B 253 5.35 -31.95 -4.72
C PRO B 253 5.28 -32.94 -3.57
N LYS B 254 4.05 -33.28 -3.13
CA LYS B 254 3.82 -34.29 -2.07
C LYS B 254 3.06 -35.55 -2.55
N PHE C 2 -29.03 -16.84 4.15
CA PHE C 2 -28.31 -15.59 4.44
C PHE C 2 -27.15 -15.28 3.46
N GLU C 3 -27.16 -14.08 2.88
CA GLU C 3 -26.07 -13.62 2.03
C GLU C 3 -26.04 -12.10 2.08
N ALA C 4 -24.87 -11.53 2.30
CA ALA C 4 -24.73 -10.08 2.39
C ALA C 4 -23.49 -9.66 1.61
N ARG C 5 -23.70 -8.89 0.54
CA ARG C 5 -22.61 -8.43 -0.31
C ARG C 5 -22.26 -7.01 0.09
N LEU C 6 -21.06 -6.81 0.61
CA LEU C 6 -20.59 -5.50 1.07
C LEU C 6 -19.46 -5.00 0.16
N VAL C 7 -19.82 -4.19 -0.83
CA VAL C 7 -18.84 -3.37 -1.53
C VAL C 7 -18.10 -2.61 -0.44
N GLN C 8 -16.81 -2.31 -0.65
CA GLN C 8 -16.03 -1.69 0.42
C GLN C 8 -15.99 -2.63 1.62
N GLY C 9 -15.23 -3.71 1.42
CA GLY C 9 -15.02 -4.63 2.50
C GLY C 9 -14.06 -4.11 3.54
N SER C 10 -13.30 -3.09 3.19
CA SER C 10 -12.42 -2.41 4.13
C SER C 10 -13.11 -2.31 5.49
N ILE C 11 -14.42 -2.03 5.48
CA ILE C 11 -15.16 -1.87 6.74
C ILE C 11 -15.14 -3.16 7.53
N LEU C 12 -15.50 -4.25 6.88
CA LEU C 12 -15.51 -5.54 7.55
C LEU C 12 -14.13 -5.86 8.12
N LYS C 13 -13.08 -5.56 7.35
CA LYS C 13 -11.70 -5.73 7.80
C LYS C 13 -11.44 -4.92 9.08
N LYS C 14 -11.73 -3.63 9.05
CA LYS C 14 -11.48 -2.81 10.22
C LYS C 14 -12.35 -3.24 11.40
N VAL C 15 -13.60 -3.65 11.13
CA VAL C 15 -14.46 -4.15 12.21
C VAL C 15 -13.77 -5.31 12.92
N LEU C 16 -13.37 -6.34 12.16
CA LEU C 16 -12.69 -7.47 12.78
C LEU C 16 -11.43 -7.00 13.50
N GLU C 17 -10.68 -6.09 12.90
CA GLU C 17 -9.48 -5.60 13.58
C GLU C 17 -9.86 -4.92 14.89
N ALA C 18 -11.00 -4.22 14.90
CA ALA C 18 -11.44 -3.52 16.08
C ALA C 18 -11.93 -4.45 17.20
N LEU C 19 -12.24 -5.70 16.87
CA LEU C 19 -12.78 -6.62 17.87
C LEU C 19 -11.76 -7.60 18.42
N LYS C 20 -10.87 -8.11 17.57
CA LYS C 20 -10.07 -9.30 17.86
C LYS C 20 -9.18 -9.13 19.10
N ASP C 21 -8.75 -7.90 19.41
CA ASP C 21 -7.86 -7.78 20.56
C ASP C 21 -8.61 -7.82 21.88
N LEU C 22 -9.93 -7.55 21.86
CA LEU C 22 -10.75 -7.44 23.06
C LEU C 22 -11.45 -8.73 23.42
N ILE C 23 -12.01 -9.41 22.42
CA ILE C 23 -12.78 -10.63 22.63
C ILE C 23 -12.28 -11.65 21.64
N ASN C 24 -12.29 -12.92 22.02
CA ASN C 24 -11.84 -13.96 21.09
C ASN C 24 -12.97 -14.58 20.32
N GLU C 25 -14.17 -14.61 20.88
CA GLU C 25 -15.32 -15.08 20.14
C GLU C 25 -16.53 -14.23 20.50
N ALA C 26 -17.53 -14.28 19.63
CA ALA C 26 -18.77 -13.57 19.87
C ALA C 26 -19.86 -14.26 19.08
N CYS C 27 -21.09 -14.14 19.57
CA CYS C 27 -22.22 -14.58 18.79
C CYS C 27 -22.57 -13.49 17.78
N TRP C 28 -22.49 -13.82 16.50
CA TRP C 28 -23.03 -12.95 15.48
C TRP C 28 -24.51 -13.25 15.33
N ASP C 29 -25.34 -12.24 15.54
CA ASP C 29 -26.80 -12.35 15.50
C ASP C 29 -27.25 -11.80 14.14
N ILE C 30 -27.24 -12.66 13.14
CA ILE C 30 -27.74 -12.26 11.82
C ILE C 30 -29.26 -12.24 11.87
N SER C 31 -29.86 -11.27 11.17
CA SER C 31 -31.29 -11.02 11.24
C SER C 31 -31.72 -10.30 9.97
N SER C 32 -33.03 -10.05 9.87
CA SER C 32 -33.54 -9.35 8.69
C SER C 32 -33.18 -7.86 8.72
N SER C 33 -33.17 -7.25 9.92
CA SER C 33 -32.78 -5.85 10.04
C SER C 33 -31.30 -5.63 9.80
N GLY C 34 -30.47 -6.64 10.02
CA GLY C 34 -29.07 -6.56 9.69
C GLY C 34 -28.22 -7.35 10.67
N VAL C 35 -26.92 -7.15 10.54
CA VAL C 35 -25.93 -7.80 11.39
C VAL C 35 -25.85 -7.04 12.69
N ASN C 36 -25.97 -7.74 13.81
CA ASN C 36 -25.78 -7.11 15.09
C ASN C 36 -25.06 -8.08 16.01
N LEU C 37 -24.01 -7.58 16.70
CA LEU C 37 -23.16 -8.40 17.55
C LEU C 37 -23.06 -7.83 18.95
N GLN C 38 -23.01 -8.72 19.94
CA GLN C 38 -22.89 -8.31 21.33
C GLN C 38 -21.98 -9.29 22.06
N SER C 39 -21.03 -8.76 22.84
CA SER C 39 -20.06 -9.65 23.48
C SER C 39 -19.35 -8.92 24.61
N MET C 40 -18.87 -9.69 25.58
CA MET C 40 -18.10 -9.14 26.68
C MET C 40 -16.68 -9.72 26.71
N ASP C 41 -15.73 -8.95 27.21
CA ASP C 41 -14.42 -9.52 27.36
C ASP C 41 -14.43 -10.54 28.49
N SER C 42 -13.42 -11.42 28.51
CA SER C 42 -13.46 -12.56 29.40
C SER C 42 -13.48 -12.15 30.88
N SER C 43 -13.20 -10.89 31.20
CA SER C 43 -13.23 -10.38 32.58
C SER C 43 -14.51 -9.63 32.89
N HIS C 44 -15.38 -9.47 31.90
CA HIS C 44 -16.68 -8.82 32.05
C HIS C 44 -16.56 -7.37 32.53
N VAL C 45 -15.43 -6.72 32.25
CA VAL C 45 -15.33 -5.29 32.51
C VAL C 45 -15.88 -4.49 31.33
N SER C 46 -16.05 -5.10 30.16
CA SER C 46 -16.48 -4.28 29.03
C SER C 46 -17.41 -5.09 28.15
N LEU C 47 -18.17 -4.36 27.33
CA LEU C 47 -19.09 -4.95 26.37
C LEU C 47 -18.99 -4.15 25.10
N VAL C 48 -18.85 -4.84 23.98
CA VAL C 48 -18.81 -4.22 22.67
C VAL C 48 -20.09 -4.62 21.94
N GLN C 49 -20.67 -3.68 21.21
CA GLN C 49 -21.85 -3.97 20.41
C GLN C 49 -21.63 -3.43 19.01
N LEU C 50 -21.77 -4.29 18.01
CA LEU C 50 -21.59 -3.93 16.62
C LEU C 50 -22.94 -3.96 15.93
N THR C 51 -23.14 -3.00 15.04
CA THR C 51 -24.39 -2.87 14.30
C THR C 51 -24.01 -2.52 12.87
N LEU C 52 -24.21 -3.47 11.95
CA LEU C 52 -24.25 -3.19 10.53
C LEU C 52 -25.68 -3.45 10.07
N ARG C 53 -26.33 -2.40 9.57
CA ARG C 53 -27.73 -2.44 9.17
C ARG C 53 -27.83 -2.84 7.70
N SER C 54 -28.89 -3.57 7.39
CA SER C 54 -29.02 -4.22 6.09
C SER C 54 -29.06 -3.22 4.94
N GLU C 55 -29.39 -1.95 5.21
CA GLU C 55 -29.44 -0.95 4.16
C GLU C 55 -28.03 -0.56 3.69
N GLY C 56 -27.05 -0.61 4.59
CA GLY C 56 -25.68 -0.26 4.26
C GLY C 56 -24.97 -1.31 3.42
N PHE C 57 -25.42 -2.55 3.50
CA PHE C 57 -25.02 -3.58 2.55
C PHE C 57 -25.79 -3.40 1.24
N ASP C 58 -25.06 -3.42 0.12
CA ASP C 58 -25.68 -3.83 -1.13
C ASP C 58 -26.23 -5.26 -0.97
N THR C 59 -27.01 -5.71 -1.95
CA THR C 59 -27.69 -7.00 -1.84
C THR C 59 -28.35 -7.17 -0.47
N TYR C 60 -27.80 -8.04 0.40
CA TYR C 60 -28.42 -8.46 1.66
C TYR C 60 -29.74 -9.24 1.50
N ARG C 61 -29.84 -10.37 2.20
CA ARG C 61 -30.94 -11.35 2.16
C ARG C 61 -30.81 -12.16 3.42
N CYS C 62 -31.93 -12.59 4.01
CA CYS C 62 -31.83 -13.32 5.27
C CYS C 62 -33.11 -14.12 5.51
N ASP C 63 -33.08 -15.42 5.17
CA ASP C 63 -34.20 -16.32 5.39
C ASP C 63 -34.51 -16.43 6.87
N ARG C 64 -33.64 -17.05 7.65
CA ARG C 64 -33.91 -17.31 9.06
C ARG C 64 -32.98 -16.48 9.96
N ASN C 65 -33.03 -16.75 11.27
CA ASN C 65 -32.28 -16.00 12.28
C ASN C 65 -31.07 -16.83 12.71
N LEU C 66 -29.86 -16.38 12.34
CA LEU C 66 -28.64 -17.08 12.72
C LEU C 66 -28.19 -16.65 14.12
N ALA C 67 -27.63 -17.59 14.88
CA ALA C 67 -26.91 -17.27 16.12
C ALA C 67 -25.47 -17.75 15.97
N MET C 68 -24.82 -17.18 14.95
CA MET C 68 -23.50 -17.62 14.50
C MET C 68 -22.45 -17.40 15.59
N GLY C 69 -21.72 -18.47 15.90
CA GLY C 69 -20.62 -18.34 16.83
C GLY C 69 -19.30 -18.27 16.10
N VAL C 70 -18.84 -17.06 15.78
CA VAL C 70 -17.60 -16.90 15.05
C VAL C 70 -16.43 -16.89 16.03
N ASN C 71 -15.36 -17.59 15.68
CA ASN C 71 -14.07 -17.44 16.34
C ASN C 71 -13.43 -16.19 15.79
N LEU C 72 -13.30 -15.14 16.61
CA LEU C 72 -12.97 -13.84 16.06
C LEU C 72 -11.52 -13.76 15.61
N THR C 73 -10.66 -14.52 16.30
CA THR C 73 -9.30 -14.73 15.81
C THR C 73 -9.32 -15.30 14.39
N SER C 74 -9.93 -16.48 14.21
CA SER C 74 -10.01 -17.09 12.89
C SER C 74 -10.61 -16.15 11.84
N MET C 75 -11.69 -15.43 12.19
CA MET C 75 -12.30 -14.53 11.22
C MET C 75 -11.34 -13.41 10.82
N SER C 76 -10.60 -12.86 11.78
CA SER C 76 -9.70 -11.77 11.44
C SER C 76 -8.55 -12.26 10.57
N LYS C 77 -8.03 -13.46 10.87
CA LYS C 77 -7.02 -14.10 10.03
C LYS C 77 -7.51 -14.21 8.59
N ILE C 78 -8.64 -14.88 8.40
CA ILE C 78 -9.28 -14.94 7.09
C ILE C 78 -9.45 -13.55 6.52
N LEU C 79 -9.86 -12.60 7.36
CA LEU C 79 -10.13 -11.29 6.79
C LEU C 79 -8.87 -10.53 6.43
N LYS C 80 -7.68 -11.01 6.82
CA LYS C 80 -6.47 -10.33 6.40
C LYS C 80 -6.05 -10.71 4.99
N CYS C 81 -6.70 -11.70 4.40
CA CYS C 81 -6.39 -12.11 3.04
C CYS C 81 -7.14 -11.29 1.99
N ALA C 82 -7.98 -10.35 2.41
CA ALA C 82 -8.67 -9.45 1.50
C ALA C 82 -7.90 -8.15 1.38
N GLY C 83 -7.73 -7.67 0.14
CA GLY C 83 -7.18 -6.35 -0.06
C GLY C 83 -8.18 -5.28 0.37
N ASN C 84 -7.68 -4.06 0.58
CA ASN C 84 -8.53 -3.02 1.13
C ASN C 84 -9.66 -2.65 0.20
N GLU C 85 -9.58 -3.03 -1.07
CA GLU C 85 -10.57 -2.64 -2.04
C GLU C 85 -11.50 -3.77 -2.44
N ASP C 86 -11.25 -4.99 -1.98
CA ASP C 86 -12.06 -6.13 -2.39
C ASP C 86 -13.53 -5.93 -1.98
N ILE C 87 -14.40 -6.68 -2.63
CA ILE C 87 -15.83 -6.64 -2.38
C ILE C 87 -16.17 -7.89 -1.57
N ILE C 88 -16.42 -7.74 -0.29
CA ILE C 88 -16.62 -8.90 0.56
C ILE C 88 -18.09 -9.27 0.56
N THR C 89 -18.37 -10.58 0.50
CA THR C 89 -19.71 -11.13 0.60
C THR C 89 -19.72 -12.19 1.69
N LEU C 90 -20.81 -12.26 2.45
CA LEU C 90 -20.95 -13.27 3.51
C LEU C 90 -22.17 -14.12 3.21
N ARG C 91 -21.96 -15.39 2.86
CA ARG C 91 -23.04 -16.35 2.64
C ARG C 91 -22.99 -17.39 3.75
N ALA C 92 -24.16 -17.67 4.34
CA ALA C 92 -24.28 -18.67 5.40
C ALA C 92 -25.65 -19.32 5.28
N GLU C 93 -25.67 -20.62 5.00
CA GLU C 93 -26.93 -21.34 4.90
C GLU C 93 -27.39 -21.75 6.30
N ASP C 94 -28.55 -22.41 6.35
CA ASP C 94 -29.09 -22.81 7.64
C ASP C 94 -29.30 -24.32 7.71
N ASP C 97 -23.78 -24.17 9.93
CA ASP C 97 -22.73 -24.54 10.87
C ASP C 97 -21.28 -24.17 10.43
N THR C 98 -21.13 -23.57 9.24
CA THR C 98 -19.89 -22.93 8.85
C THR C 98 -20.20 -21.71 7.99
N LEU C 99 -19.52 -20.58 8.24
CA LEU C 99 -19.73 -19.39 7.42
C LEU C 99 -18.71 -19.33 6.28
N ALA C 100 -19.12 -18.69 5.19
CA ALA C 100 -18.30 -18.51 4.00
C ALA C 100 -18.13 -17.03 3.70
N LEU C 101 -17.00 -16.69 3.08
CA LEU C 101 -16.61 -15.32 2.79
C LEU C 101 -15.98 -15.27 1.41
N VAL C 102 -16.22 -14.19 0.68
CA VAL C 102 -15.85 -14.11 -0.73
C VAL C 102 -15.29 -12.71 -1.02
N PHE C 103 -14.11 -12.65 -1.64
CA PHE C 103 -13.42 -11.39 -1.93
C PHE C 103 -13.24 -11.21 -3.43
N GLU C 104 -13.50 -10.01 -3.95
CA GLU C 104 -13.52 -9.83 -5.40
C GLU C 104 -12.47 -8.82 -5.91
N ALA C 105 -12.83 -7.92 -6.82
CA ALA C 105 -11.86 -6.94 -7.35
C ALA C 105 -12.49 -5.90 -8.31
N GLN C 108 -11.76 -6.88 -12.18
CA GLN C 108 -12.17 -8.01 -11.32
C GLN C 108 -11.51 -9.33 -11.82
N GLU C 109 -10.32 -9.60 -11.30
CA GLU C 109 -9.48 -10.65 -11.89
C GLU C 109 -9.07 -11.70 -10.90
N LYS C 110 -8.73 -11.32 -9.66
CA LYS C 110 -8.56 -12.25 -8.57
C LYS C 110 -9.87 -12.33 -7.79
N VAL C 111 -10.26 -13.54 -7.42
CA VAL C 111 -11.44 -13.78 -6.60
C VAL C 111 -11.17 -14.96 -5.66
N SER C 112 -11.49 -14.78 -4.37
CA SER C 112 -11.12 -15.73 -3.33
C SER C 112 -12.33 -16.16 -2.50
N ASP C 113 -12.45 -17.46 -2.25
CA ASP C 113 -13.51 -18.07 -1.45
C ASP C 113 -12.91 -18.74 -0.22
N TYR C 114 -12.97 -18.10 0.94
CA TYR C 114 -12.66 -18.84 2.15
C TYR C 114 -13.94 -19.28 2.81
N GLU C 115 -13.81 -20.19 3.78
CA GLU C 115 -14.97 -20.80 4.41
C GLU C 115 -14.58 -21.16 5.84
N MET C 116 -15.20 -20.50 6.80
CA MET C 116 -14.75 -20.58 8.18
C MET C 116 -15.61 -21.53 8.96
N LYS C 117 -14.98 -22.54 9.55
CA LYS C 117 -15.67 -23.40 10.48
C LYS C 117 -16.32 -22.53 11.57
N LEU C 118 -17.54 -22.88 11.95
CA LEU C 118 -18.25 -22.06 12.91
C LEU C 118 -18.10 -22.65 14.31
N MET C 119 -19.00 -22.31 15.20
CA MET C 119 -18.78 -22.62 16.60
C MET C 119 -20.10 -22.48 17.34
N ASP C 120 -20.23 -23.21 18.44
CA ASP C 120 -21.50 -23.31 19.16
C ASP C 120 -21.47 -22.35 20.35
N LEU C 121 -21.80 -21.10 20.05
CA LEU C 121 -21.97 -20.04 21.04
C LEU C 121 -23.43 -19.65 21.05
N ASP C 122 -24.02 -19.54 22.25
CA ASP C 122 -25.47 -19.44 22.35
C ASP C 122 -26.00 -18.35 23.27
N VAL C 123 -25.16 -17.63 24.03
CA VAL C 123 -25.67 -16.70 25.04
C VAL C 123 -26.57 -15.66 24.40
N GLU C 124 -27.75 -15.46 24.98
CA GLU C 124 -28.68 -14.48 24.44
C GLU C 124 -28.13 -13.07 24.66
N GLN C 125 -28.73 -12.12 23.95
CA GLN C 125 -28.31 -10.74 24.05
C GLN C 125 -29.08 -10.04 25.15
N LEU C 126 -28.36 -9.27 25.96
CA LEU C 126 -29.05 -8.32 26.81
C LEU C 126 -29.73 -7.26 25.98
N GLY C 127 -30.79 -6.68 26.54
CA GLY C 127 -31.39 -5.48 26.01
C GLY C 127 -30.72 -4.30 26.67
N ILE C 128 -30.05 -3.47 25.88
CA ILE C 128 -29.29 -2.36 26.44
C ILE C 128 -29.89 -1.07 25.90
N PRO C 129 -30.56 -0.29 26.75
CA PRO C 129 -31.19 0.95 26.28
C PRO C 129 -30.27 2.16 26.42
N GLU C 130 -30.78 3.28 25.91
CA GLU C 130 -30.07 4.55 25.91
C GLU C 130 -30.16 5.14 27.31
N GLN C 131 -29.03 5.30 27.99
CA GLN C 131 -29.04 5.95 29.28
C GLN C 131 -28.99 7.47 29.11
N GLU C 132 -28.94 8.17 30.25
CA GLU C 132 -28.73 9.61 30.31
C GLU C 132 -27.35 9.88 30.87
N TYR C 133 -26.55 10.67 30.15
CA TYR C 133 -25.18 10.94 30.54
C TYR C 133 -25.05 12.39 30.95
N SER C 134 -24.25 12.63 31.97
CA SER C 134 -24.04 13.99 32.40
C SER C 134 -22.98 14.69 31.56
N CYS C 135 -22.04 13.94 30.98
CA CYS C 135 -21.04 14.58 30.13
C CYS C 135 -20.85 13.78 28.85
N VAL C 136 -20.95 14.46 27.71
CA VAL C 136 -20.87 13.83 26.41
C VAL C 136 -19.92 14.66 25.54
N VAL C 137 -18.87 14.01 25.04
CA VAL C 137 -17.71 14.61 24.38
C VAL C 137 -17.59 14.04 22.98
N LYS C 138 -17.55 14.91 21.97
CA LYS C 138 -17.31 14.46 20.61
C LYS C 138 -15.97 15.05 20.19
N MET C 139 -15.04 14.21 19.74
CA MET C 139 -13.69 14.69 19.49
C MET C 139 -13.04 13.87 18.38
N PRO C 140 -11.94 14.35 17.80
CA PRO C 140 -11.26 13.56 16.78
C PRO C 140 -10.78 12.26 17.37
N SER C 141 -11.01 11.19 16.63
CA SER C 141 -10.68 9.88 17.15
C SER C 141 -9.18 9.68 17.23
N GLY C 142 -8.43 10.18 16.24
CA GLY C 142 -6.98 10.17 16.34
C GLY C 142 -6.47 10.83 17.60
N GLU C 143 -6.95 12.04 17.89
CA GLU C 143 -6.55 12.68 19.14
C GLU C 143 -6.80 11.78 20.34
N PHE C 144 -7.96 11.11 20.37
CA PHE C 144 -8.32 10.32 21.56
C PHE C 144 -7.43 9.11 21.70
N ALA C 145 -7.07 8.49 20.58
CA ALA C 145 -6.16 7.36 20.64
C ALA C 145 -4.78 7.75 21.15
N ARG C 146 -4.26 8.93 20.74
CA ARG C 146 -2.93 9.32 21.23
C ARG C 146 -2.95 9.63 22.71
N ILE C 147 -4.06 10.18 23.20
CA ILE C 147 -4.19 10.46 24.62
C ILE C 147 -4.15 9.19 25.46
N CYS C 148 -4.83 8.14 25.00
CA CYS C 148 -4.79 6.88 25.74
C CYS C 148 -3.44 6.20 25.59
N ARG C 149 -2.86 6.26 24.39
CA ARG C 149 -1.53 5.71 24.20
C ARG C 149 -0.54 6.40 25.11
N ASP C 150 -0.54 7.74 25.09
CA ASP C 150 0.45 8.51 25.84
C ASP C 150 0.29 8.30 27.33
N LEU C 151 -0.92 8.54 27.86
CA LEU C 151 -1.12 8.41 29.29
C LEU C 151 -0.80 7.01 29.79
N SER C 152 -0.95 6.01 28.94
CA SER C 152 -0.70 4.64 29.38
C SER C 152 0.79 4.35 29.54
N HIS C 153 1.66 5.26 29.15
CA HIS C 153 3.06 5.14 29.55
C HIS C 153 3.33 5.84 30.87
N ILE C 154 2.32 6.48 31.45
CA ILE C 154 2.42 7.11 32.76
C ILE C 154 1.77 6.27 33.84
N GLY C 155 0.64 5.64 33.54
CA GLY C 155 -0.04 4.86 34.56
C GLY C 155 -1.03 3.92 33.93
N ASP C 156 -1.63 3.10 34.80
CA ASP C 156 -2.57 2.09 34.34
C ASP C 156 -3.96 2.66 34.13
N ALA C 157 -4.32 3.70 34.86
CA ALA C 157 -5.67 4.21 34.88
C ALA C 157 -5.69 5.67 34.48
N VAL C 158 -6.66 6.03 33.63
CA VAL C 158 -6.93 7.43 33.30
C VAL C 158 -8.17 7.89 34.05
N VAL C 159 -8.07 9.07 34.67
CA VAL C 159 -9.18 9.76 35.27
C VAL C 159 -9.74 10.74 34.24
N ILE C 160 -11.02 10.62 33.90
CA ILE C 160 -11.67 11.54 32.97
C ILE C 160 -12.58 12.48 33.75
N SER C 161 -12.54 13.78 33.39
CA SER C 161 -13.30 14.83 34.08
C SER C 161 -13.88 15.82 33.09
N CYS C 162 -15.00 16.45 33.48
CA CYS C 162 -15.66 17.49 32.69
C CYS C 162 -15.88 18.76 33.52
N ALA C 163 -15.38 19.90 33.02
CA ALA C 163 -15.73 21.25 33.54
C ALA C 163 -15.43 22.38 32.51
N VAL C 167 -13.24 19.18 29.56
CA VAL C 167 -12.77 17.78 29.72
C VAL C 167 -11.25 17.57 29.93
N LYS C 168 -10.90 16.75 30.92
CA LYS C 168 -9.52 16.52 31.29
C LYS C 168 -9.26 15.02 31.46
N PHE C 169 -8.09 14.56 31.00
CA PHE C 169 -7.65 13.18 31.14
C PHE C 169 -6.40 13.16 32.00
N SER C 170 -6.42 12.41 33.10
CA SER C 170 -5.27 12.38 33.99
C SER C 170 -4.90 10.95 34.34
N ALA C 171 -3.59 10.73 34.46
CA ALA C 171 -2.99 9.44 34.78
C ALA C 171 -1.90 9.66 35.82
N SER C 172 -1.78 8.73 36.76
CA SER C 172 -0.81 8.86 37.83
C SER C 172 -0.06 7.55 37.91
N GLY C 173 1.26 7.64 37.90
CA GLY C 173 2.07 6.44 37.95
C GLY C 173 3.31 6.60 38.79
N GLU C 174 4.28 5.72 38.57
CA GLU C 174 5.47 5.70 39.41
C GLU C 174 6.38 6.87 39.10
N LEU C 175 6.63 7.12 37.81
CA LEU C 175 7.56 8.16 37.39
C LEU C 175 7.04 9.56 37.67
N GLY C 176 5.75 9.72 37.87
CA GLY C 176 5.12 10.99 38.06
C GLY C 176 3.67 10.91 37.60
N ASN C 177 3.17 11.98 36.99
CA ASN C 177 1.81 11.95 36.51
C ASN C 177 1.59 13.05 35.49
N GLY C 178 0.55 12.89 34.69
CA GLY C 178 0.27 13.85 33.65
C GLY C 178 -1.21 14.12 33.52
N ASN C 179 -1.54 15.22 32.87
CA ASN C 179 -2.92 15.38 32.44
C ASN C 179 -3.01 16.25 31.19
N ILE C 180 -3.92 15.85 30.31
CA ILE C 180 -4.24 16.54 29.07
C ILE C 180 -5.58 17.25 29.22
N LYS C 181 -5.59 18.55 28.97
CA LYS C 181 -6.81 19.34 28.94
C LYS C 181 -7.26 19.50 27.49
N LEU C 182 -8.57 19.43 27.27
CA LEU C 182 -9.13 19.65 25.96
C LEU C 182 -10.32 20.57 26.08
N SER C 183 -10.39 21.57 25.18
CA SER C 183 -11.43 22.57 25.28
C SER C 183 -12.30 22.52 24.03
N GLN C 184 -13.57 22.86 24.23
CA GLN C 184 -14.54 22.94 23.14
C GLN C 184 -14.06 23.88 22.03
N THR C 185 -14.26 23.44 20.78
CA THR C 185 -13.96 24.24 19.58
C THR C 185 -15.08 24.17 18.52
N GLU C 193 -10.68 18.73 12.85
CA GLU C 193 -11.98 18.29 13.36
C GLU C 193 -12.34 19.01 14.69
N ALA C 194 -13.63 19.09 14.99
CA ALA C 194 -14.09 19.84 16.14
C ALA C 194 -14.02 19.04 17.45
N VAL C 195 -14.13 19.74 18.56
CA VAL C 195 -14.23 19.13 19.89
C VAL C 195 -15.45 19.72 20.59
N THR C 196 -16.41 18.87 20.95
CA THR C 196 -17.72 19.29 21.43
C THR C 196 -17.98 18.65 22.78
N ILE C 197 -18.31 19.45 23.78
CA ILE C 197 -18.57 18.95 25.13
C ILE C 197 -20.01 19.29 25.47
N GLU C 198 -20.74 18.31 26.00
CA GLU C 198 -22.15 18.48 26.36
C GLU C 198 -22.30 18.09 27.82
N MET C 199 -22.27 19.07 28.73
CA MET C 199 -22.48 18.77 30.14
C MET C 199 -23.90 19.04 30.58
N ASN C 200 -24.32 18.24 31.55
CA ASN C 200 -25.49 18.51 32.38
C ASN C 200 -25.12 18.67 33.84
N GLU C 201 -23.96 18.15 34.25
CA GLU C 201 -23.52 17.92 35.61
C GLU C 201 -22.03 17.57 35.57
N PRO C 202 -21.21 18.08 36.47
CA PRO C 202 -19.80 17.67 36.50
C PRO C 202 -19.69 16.18 36.82
N VAL C 203 -18.73 15.51 36.16
CA VAL C 203 -18.58 14.07 36.27
C VAL C 203 -17.10 13.72 36.21
N GLN C 204 -16.72 12.70 36.99
CA GLN C 204 -15.33 12.26 37.10
C GLN C 204 -15.32 10.77 37.34
N LEU C 205 -14.72 10.00 36.44
CA LEU C 205 -14.51 8.57 36.68
C LEU C 205 -13.15 8.12 36.17
N THR C 206 -12.67 7.04 36.79
CA THR C 206 -11.41 6.40 36.45
C THR C 206 -11.62 5.12 35.64
N PHE C 207 -10.80 4.90 34.62
CA PHE C 207 -10.92 3.72 33.78
C PHE C 207 -9.58 3.07 33.50
N ALA C 208 -9.62 1.77 33.23
CA ALA C 208 -8.45 1.03 32.81
C ALA C 208 -8.02 1.44 31.41
N LEU C 209 -6.81 2.00 31.29
CA LEU C 209 -6.26 2.31 29.97
C LEU C 209 -6.07 1.06 29.13
N ARG C 210 -5.87 -0.10 29.78
CA ARG C 210 -5.76 -1.35 29.05
C ARG C 210 -6.89 -1.51 28.05
N TYR C 211 -8.12 -1.29 28.52
CA TYR C 211 -9.30 -1.54 27.67
C TYR C 211 -9.58 -0.35 26.75
N LEU C 212 -9.36 0.87 27.23
CA LEU C 212 -9.47 2.00 26.33
C LEU C 212 -8.55 1.83 25.13
N ASN C 213 -7.36 1.25 25.36
CA ASN C 213 -6.44 1.07 24.26
C ASN C 213 -6.86 -0.09 23.36
N PHE C 214 -7.66 -1.04 23.86
CA PHE C 214 -8.34 -1.95 22.95
C PHE C 214 -9.35 -1.17 22.11
N PHE C 215 -10.17 -0.34 22.76
CA PHE C 215 -11.29 0.27 22.04
C PHE C 215 -10.81 1.08 20.85
N THR C 216 -9.71 1.84 21.04
CA THR C 216 -9.18 2.68 19.97
C THR C 216 -8.77 1.90 18.73
N LYS C 217 -8.71 0.56 18.76
CA LYS C 217 -8.42 -0.15 17.52
C LYS C 217 -9.52 0.02 16.48
N ALA C 218 -10.65 0.63 16.87
CA ALA C 218 -11.69 0.99 15.92
C ALA C 218 -11.43 2.32 15.23
N THR C 219 -10.32 3.00 15.56
CA THR C 219 -10.11 4.33 15.04
C THR C 219 -10.19 4.42 13.53
N PRO C 220 -9.67 3.46 12.75
CA PRO C 220 -9.81 3.53 11.29
C PRO C 220 -11.22 3.61 10.77
N LEU C 221 -12.23 3.29 11.57
CA LEU C 221 -13.63 3.28 11.13
C LEU C 221 -14.30 4.65 11.11
N SER C 222 -13.69 5.68 11.73
CA SER C 222 -14.31 7.01 11.85
C SER C 222 -13.29 8.03 12.33
N SER C 223 -13.39 9.26 11.84
CA SER C 223 -12.49 10.31 12.32
C SER C 223 -12.95 10.92 13.63
N THR C 224 -14.19 10.74 14.00
CA THR C 224 -14.61 11.23 15.30
C THR C 224 -14.89 10.04 16.21
N VAL C 225 -14.91 10.32 17.50
CA VAL C 225 -15.29 9.36 18.51
C VAL C 225 -16.17 10.11 19.50
N THR C 226 -17.04 9.39 20.20
CA THR C 226 -17.89 10.05 21.17
C THR C 226 -17.81 9.33 22.50
N LEU C 227 -17.56 10.09 23.57
CA LEU C 227 -17.46 9.55 24.93
C LEU C 227 -18.64 10.04 25.75
N SER C 228 -19.29 9.11 26.45
CA SER C 228 -20.52 9.41 27.19
C SER C 228 -20.34 8.89 28.61
N MET C 229 -20.23 9.80 29.56
CA MET C 229 -19.92 9.43 30.93
C MET C 229 -21.04 9.81 31.88
N SER C 230 -21.30 8.91 32.82
CA SER C 230 -22.18 9.19 33.94
C SER C 230 -21.72 8.33 35.09
N ALA C 231 -22.00 8.79 36.31
CA ALA C 231 -21.63 8.01 37.49
C ALA C 231 -22.47 6.75 37.64
N ASP C 232 -23.58 6.67 36.95
CA ASP C 232 -24.51 5.60 37.23
C ASP C 232 -24.46 4.50 36.17
N VAL C 233 -23.70 4.69 35.10
CA VAL C 233 -23.64 3.69 34.03
C VAL C 233 -22.20 3.58 33.52
N PRO C 234 -21.90 2.50 32.80
CA PRO C 234 -20.58 2.39 32.15
C PRO C 234 -20.36 3.50 31.15
N LEU C 235 -19.07 3.80 30.94
CA LEU C 235 -18.66 4.72 29.89
C LEU C 235 -19.03 4.16 28.53
N VAL C 236 -19.45 5.02 27.62
CA VAL C 236 -19.63 4.60 26.24
C VAL C 236 -18.62 5.31 25.37
N VAL C 237 -18.02 4.54 24.47
CA VAL C 237 -17.02 4.98 23.52
C VAL C 237 -17.50 4.45 22.19
N GLU C 238 -17.90 5.34 21.30
CA GLU C 238 -18.63 4.92 20.11
C GLU C 238 -18.04 5.52 18.84
N TYR C 239 -17.95 4.68 17.82
CA TYR C 239 -17.43 5.01 16.51
C TYR C 239 -18.54 4.74 15.50
N LYS C 240 -18.94 5.79 14.77
CA LYS C 240 -19.92 5.64 13.69
C LYS C 240 -19.27 4.92 12.52
N ILE C 241 -19.82 3.76 12.13
CA ILE C 241 -19.45 3.13 10.87
C ILE C 241 -20.40 3.74 9.86
N ALA C 242 -19.97 4.85 9.26
CA ALA C 242 -20.89 5.73 8.55
C ALA C 242 -21.65 4.95 7.49
N ASP C 243 -22.93 5.30 7.34
CA ASP C 243 -23.82 4.72 6.33
C ASP C 243 -24.12 3.26 6.59
N MET C 244 -24.12 2.84 7.86
CA MET C 244 -24.22 1.42 8.14
C MET C 244 -24.43 1.11 9.62
N GLY C 245 -23.70 1.77 10.50
CA GLY C 245 -23.94 1.51 11.90
C GLY C 245 -22.96 2.14 12.85
N HIS C 246 -22.49 1.35 13.82
CA HIS C 246 -21.64 1.87 14.87
C HIS C 246 -20.93 0.73 15.56
N LEU C 247 -19.86 1.07 16.27
CA LEU C 247 -19.23 0.20 17.26
C LEU C 247 -19.33 0.88 18.61
N LYS C 248 -20.14 0.34 19.52
CA LYS C 248 -20.21 0.87 20.88
C LYS C 248 -19.35 0.02 21.81
N TYR C 249 -18.47 0.66 22.56
CA TYR C 249 -17.74 0.00 23.64
C TYR C 249 -18.26 0.52 24.97
N TYR C 250 -18.58 -0.38 25.88
CA TYR C 250 -19.04 0.01 27.21
C TYR C 250 -17.97 -0.41 28.19
N LEU C 251 -17.57 0.47 29.08
CA LEU C 251 -16.50 0.16 30.02
C LEU C 251 -16.88 0.60 31.42
N ALA C 252 -16.87 -0.35 32.35
CA ALA C 252 -17.14 -0.03 33.74
C ALA C 252 -15.97 0.73 34.34
N PRO C 253 -16.20 1.52 35.38
CA PRO C 253 -15.10 2.15 36.10
C PRO C 253 -14.38 1.18 37.04
N LYS C 254 -13.19 1.61 37.47
CA LYS C 254 -12.41 0.96 38.52
C LYS C 254 -12.94 1.35 39.90
N ILE C 255 -12.68 0.52 40.91
CA ILE C 255 -13.04 0.89 42.29
C ILE C 255 -11.83 0.90 43.22
N MET D 1 -9.60 -16.09 -26.11
CA MET D 1 -10.95 -15.81 -25.62
C MET D 1 -11.20 -14.35 -25.38
N PHE D 2 -12.40 -13.89 -25.74
CA PHE D 2 -12.81 -12.51 -25.52
C PHE D 2 -13.94 -12.46 -24.50
N GLU D 3 -13.84 -11.51 -23.55
CA GLU D 3 -14.86 -11.41 -22.50
C GLU D 3 -15.00 -9.96 -22.05
N ALA D 4 -16.11 -9.33 -22.39
CA ALA D 4 -16.43 -8.00 -21.88
C ALA D 4 -17.61 -8.11 -20.92
N ARG D 5 -17.55 -7.36 -19.82
CA ARG D 5 -18.62 -7.33 -18.85
C ARG D 5 -18.98 -5.87 -18.62
N LEU D 6 -20.21 -5.50 -18.96
CA LEU D 6 -20.70 -4.13 -18.90
C LEU D 6 -21.85 -4.07 -17.93
N VAL D 7 -21.69 -3.31 -16.84
CA VAL D 7 -22.73 -3.30 -15.81
C VAL D 7 -23.93 -2.51 -16.27
N GLN D 8 -23.71 -1.31 -16.80
CA GLN D 8 -24.81 -0.58 -17.42
C GLN D 8 -25.02 -1.15 -18.82
N GLY D 9 -25.60 -2.35 -18.84
CA GLY D 9 -25.89 -3.02 -20.09
C GLY D 9 -26.93 -2.31 -20.93
N SER D 10 -27.70 -1.39 -20.33
CA SER D 10 -28.52 -0.47 -21.12
C SER D 10 -27.80 -0.10 -22.41
N ILE D 11 -26.52 0.31 -22.27
CA ILE D 11 -25.75 0.84 -23.38
C ILE D 11 -25.74 -0.13 -24.55
N LEU D 12 -25.59 -1.42 -24.25
CA LEU D 12 -25.58 -2.39 -25.33
C LEU D 12 -26.93 -2.49 -26.02
N LYS D 13 -28.02 -2.43 -25.25
CA LYS D 13 -29.35 -2.52 -25.85
C LYS D 13 -29.60 -1.36 -26.79
N LYS D 14 -29.22 -0.15 -26.36
CA LYS D 14 -29.41 1.03 -27.18
C LYS D 14 -28.55 0.99 -28.42
N VAL D 15 -27.32 0.50 -28.29
CA VAL D 15 -26.42 0.44 -29.44
C VAL D 15 -27.00 -0.44 -30.53
N LEU D 16 -27.52 -1.62 -30.16
CA LEU D 16 -28.19 -2.46 -31.16
C LEU D 16 -29.52 -1.86 -31.60
N GLU D 17 -30.23 -1.16 -30.72
CA GLU D 17 -31.39 -0.40 -31.18
C GLU D 17 -30.98 0.60 -32.26
N ALA D 18 -29.79 1.18 -32.14
CA ALA D 18 -29.37 2.22 -33.08
C ALA D 18 -28.78 1.66 -34.36
N LEU D 19 -28.44 0.36 -34.40
CA LEU D 19 -27.86 -0.24 -35.59
C LEU D 19 -28.88 -0.97 -36.46
N LYS D 20 -29.87 -1.62 -35.82
CA LYS D 20 -30.66 -2.68 -36.45
C LYS D 20 -31.55 -2.16 -37.57
N ASP D 21 -32.00 -0.91 -37.50
CA ASP D 21 -32.79 -0.41 -38.61
C ASP D 21 -31.95 0.01 -39.80
N LEU D 22 -30.62 0.09 -39.66
CA LEU D 22 -29.75 0.59 -40.70
C LEU D 22 -29.05 -0.53 -41.46
N ILE D 23 -28.56 -1.54 -40.74
CA ILE D 23 -27.74 -2.61 -41.29
C ILE D 23 -28.21 -3.92 -40.67
N ASN D 24 -28.05 -5.02 -41.39
CA ASN D 24 -28.42 -6.31 -40.82
C ASN D 24 -27.25 -7.10 -40.28
N GLU D 25 -26.04 -6.77 -40.70
CA GLU D 25 -24.89 -7.52 -40.28
C GLU D 25 -23.73 -6.56 -40.16
N ALA D 26 -22.74 -6.97 -39.38
CA ALA D 26 -21.51 -6.20 -39.31
C ALA D 26 -20.46 -7.15 -38.82
N CYS D 27 -19.22 -6.89 -39.23
CA CYS D 27 -18.10 -7.54 -38.59
C CYS D 27 -17.73 -6.71 -37.38
N TRP D 28 -17.62 -7.34 -36.24
CA TRP D 28 -17.19 -6.69 -35.03
C TRP D 28 -15.70 -6.93 -34.88
N ASP D 29 -14.94 -5.86 -34.78
CA ASP D 29 -13.51 -5.96 -34.58
C ASP D 29 -13.20 -5.92 -33.08
N ILE D 30 -12.76 -7.05 -32.56
CA ILE D 30 -12.46 -7.20 -31.13
C ILE D 30 -10.97 -7.23 -30.94
N SER D 31 -10.44 -6.25 -30.22
CA SER D 31 -9.03 -6.12 -29.96
C SER D 31 -8.84 -5.73 -28.49
N SER D 32 -7.59 -5.56 -28.11
CA SER D 32 -7.25 -5.14 -26.76
C SER D 32 -7.73 -3.72 -26.48
N SER D 33 -7.69 -2.84 -27.48
CA SER D 33 -8.14 -1.47 -27.26
C SER D 33 -9.64 -1.37 -27.03
N GLY D 34 -10.41 -2.37 -27.49
CA GLY D 34 -11.85 -2.39 -27.29
C GLY D 34 -12.56 -2.90 -28.51
N VAL D 35 -13.88 -2.67 -28.53
CA VAL D 35 -14.79 -3.07 -29.59
C VAL D 35 -14.87 -1.96 -30.63
N ASN D 36 -14.80 -2.35 -31.91
CA ASN D 36 -14.85 -1.41 -33.04
C ASN D 36 -15.64 -2.01 -34.19
N LEU D 37 -16.56 -1.23 -34.75
CA LEU D 37 -17.47 -1.71 -35.77
C LEU D 37 -17.59 -0.70 -36.89
N GLN D 38 -17.33 -1.14 -38.12
CA GLN D 38 -17.68 -0.40 -39.33
C GLN D 38 -18.62 -1.22 -40.19
N SER D 39 -19.70 -0.60 -40.64
CA SER D 39 -20.56 -1.33 -41.54
C SER D 39 -21.32 -0.30 -42.37
N MET D 40 -21.65 -0.71 -43.58
CA MET D 40 -22.32 0.17 -44.53
C MET D 40 -23.68 -0.42 -44.89
N ASP D 41 -24.66 0.44 -45.01
CA ASP D 41 -25.99 -0.01 -45.37
C ASP D 41 -25.98 -0.61 -46.79
N SER D 42 -26.96 -1.47 -47.04
CA SER D 42 -26.99 -2.26 -48.26
C SER D 42 -26.81 -1.43 -49.53
N SER D 43 -27.18 -0.17 -49.48
CA SER D 43 -27.18 0.69 -50.66
C SER D 43 -25.94 1.55 -50.73
N HIS D 44 -25.02 1.35 -49.78
CA HIS D 44 -23.70 1.97 -49.79
C HIS D 44 -23.76 3.47 -49.69
N VAL D 45 -24.89 4.02 -49.30
CA VAL D 45 -24.96 5.46 -49.12
C VAL D 45 -24.45 5.88 -47.75
N SER D 46 -24.38 4.96 -46.80
CA SER D 46 -24.03 5.39 -45.46
C SER D 46 -23.16 4.37 -44.77
N LEU D 47 -22.45 4.86 -43.76
CA LEU D 47 -21.55 4.05 -42.98
C LEU D 47 -21.71 4.48 -41.54
N VAL D 48 -21.77 3.49 -40.67
CA VAL D 48 -21.80 3.70 -39.23
C VAL D 48 -20.51 3.10 -38.66
N GLN D 49 -19.97 3.76 -37.67
CA GLN D 49 -18.77 3.30 -37.02
C GLN D 49 -18.99 3.43 -35.53
N LEU D 50 -18.80 2.32 -34.81
CA LEU D 50 -19.03 2.25 -33.37
C LEU D 50 -17.72 2.04 -32.64
N THR D 51 -17.52 2.75 -31.53
CA THR D 51 -16.34 2.58 -30.71
C THR D 51 -16.78 2.36 -29.28
N LEU D 52 -16.43 1.19 -28.73
CA LEU D 52 -16.55 0.88 -27.31
C LEU D 52 -15.17 0.46 -26.83
N ARG D 53 -14.52 1.36 -26.09
CA ARG D 53 -13.16 1.13 -25.59
C ARG D 53 -13.16 0.15 -24.42
N SER D 54 -12.06 -0.62 -24.32
CA SER D 54 -11.93 -1.64 -23.27
C SER D 54 -12.00 -1.04 -21.87
N GLU D 55 -11.49 0.15 -21.68
CA GLU D 55 -11.50 0.78 -20.37
C GLU D 55 -12.88 1.23 -19.94
N GLY D 56 -13.90 1.07 -20.79
CA GLY D 56 -15.25 1.46 -20.48
C GLY D 56 -16.12 0.30 -20.04
N PHE D 57 -15.56 -0.90 -20.10
CA PHE D 57 -16.14 -2.08 -19.48
C PHE D 57 -15.56 -2.27 -18.07
N ASP D 58 -16.27 -3.04 -17.26
CA ASP D 58 -15.79 -3.32 -15.90
C ASP D 58 -14.92 -4.54 -15.83
N THR D 59 -14.98 -5.40 -16.83
CA THR D 59 -13.88 -6.31 -17.12
C THR D 59 -13.77 -6.40 -18.63
N TYR D 60 -12.55 -6.58 -19.11
CA TYR D 60 -12.30 -6.73 -20.53
C TYR D 60 -11.10 -7.65 -20.69
N ARG D 61 -11.31 -8.78 -21.35
CA ARG D 61 -10.23 -9.70 -21.66
C ARG D 61 -10.25 -9.96 -23.16
N CYS D 62 -9.07 -9.98 -23.78
CA CYS D 62 -8.98 -10.26 -25.21
C CYS D 62 -7.63 -10.93 -25.52
N ASP D 63 -7.67 -12.26 -25.63
CA ASP D 63 -6.47 -13.04 -25.93
C ASP D 63 -5.96 -12.77 -27.33
N ARG D 64 -6.80 -12.99 -28.32
CA ARG D 64 -6.47 -12.77 -29.72
C ARG D 64 -7.44 -11.78 -30.35
N ASN D 65 -7.06 -11.21 -31.49
CA ASN D 65 -7.89 -10.25 -32.19
C ASN D 65 -9.03 -10.99 -32.92
N LEU D 66 -10.27 -10.53 -32.77
CA LEU D 66 -11.43 -11.20 -33.34
C LEU D 66 -12.03 -10.42 -34.50
N ALA D 67 -12.70 -11.15 -35.39
CA ALA D 67 -13.54 -10.55 -36.43
C ALA D 67 -14.87 -11.32 -36.44
N MET D 68 -15.77 -10.97 -35.53
CA MET D 68 -17.07 -11.63 -35.47
C MET D 68 -18.03 -11.04 -36.50
N GLY D 69 -18.52 -11.91 -37.39
CA GLY D 69 -19.60 -11.54 -38.27
C GLY D 69 -20.90 -11.80 -37.55
N VAL D 70 -21.62 -10.74 -37.21
CA VAL D 70 -22.78 -10.83 -36.36
C VAL D 70 -24.00 -10.56 -37.20
N ASN D 71 -24.99 -11.44 -37.11
CA ASN D 71 -26.33 -11.12 -37.60
C ASN D 71 -26.98 -10.12 -36.65
N LEU D 72 -26.97 -8.85 -37.06
CA LEU D 72 -27.45 -7.79 -36.19
C LEU D 72 -28.92 -7.96 -35.86
N THR D 73 -29.70 -8.54 -36.77
CA THR D 73 -31.10 -8.82 -36.45
C THR D 73 -31.17 -9.78 -35.26
N SER D 74 -30.52 -10.94 -35.39
CA SER D 74 -30.43 -11.91 -34.30
C SER D 74 -29.99 -11.25 -33.01
N MET D 75 -28.94 -10.44 -33.06
CA MET D 75 -28.35 -9.94 -31.83
C MET D 75 -29.27 -8.94 -31.14
N SER D 76 -29.98 -8.13 -31.92
CA SER D 76 -30.95 -7.24 -31.30
C SER D 76 -32.07 -8.04 -30.67
N LYS D 77 -32.60 -9.02 -31.42
CA LYS D 77 -33.64 -9.88 -30.88
C LYS D 77 -33.21 -10.55 -29.57
N ILE D 78 -31.96 -11.02 -29.49
CA ILE D 78 -31.47 -11.55 -28.22
C ILE D 78 -31.39 -10.44 -27.18
N LEU D 79 -30.84 -9.28 -27.54
CA LEU D 79 -30.65 -8.26 -26.52
C LEU D 79 -31.96 -7.71 -25.94
N LYS D 80 -33.07 -7.78 -26.68
CA LYS D 80 -34.31 -7.31 -26.07
C LYS D 80 -34.74 -8.16 -24.89
N CYS D 81 -34.15 -9.35 -24.70
CA CYS D 81 -34.50 -10.17 -23.56
C CYS D 81 -33.87 -9.69 -22.27
N ALA D 82 -32.76 -8.94 -22.37
CA ALA D 82 -32.17 -8.30 -21.20
C ALA D 82 -33.05 -7.16 -20.72
N GLY D 83 -33.32 -7.13 -19.41
CA GLY D 83 -33.91 -5.97 -18.81
C GLY D 83 -32.91 -4.82 -18.75
N ASN D 84 -33.47 -3.60 -18.58
CA ASN D 84 -32.65 -2.40 -18.69
C ASN D 84 -31.67 -2.24 -17.53
N GLU D 85 -31.79 -3.02 -16.46
CA GLU D 85 -30.83 -2.98 -15.38
C GLU D 85 -29.92 -4.19 -15.34
N ASP D 86 -30.07 -5.12 -16.28
CA ASP D 86 -29.26 -6.32 -16.28
C ASP D 86 -27.78 -5.99 -16.52
N ILE D 87 -26.92 -6.79 -15.93
CA ILE D 87 -25.49 -6.74 -16.23
C ILE D 87 -25.25 -7.66 -17.43
N ILE D 88 -24.80 -7.08 -18.53
CA ILE D 88 -24.64 -7.83 -19.76
C ILE D 88 -23.18 -8.15 -19.96
N THR D 89 -22.90 -9.38 -20.38
CA THR D 89 -21.55 -9.92 -20.52
C THR D 89 -21.41 -10.64 -21.84
N LEU D 90 -20.48 -10.19 -22.68
CA LEU D 90 -20.18 -10.82 -23.96
C LEU D 90 -18.97 -11.75 -23.80
N ARG D 91 -18.97 -12.82 -24.58
CA ARG D 91 -17.99 -13.91 -24.42
C ARG D 91 -17.85 -14.61 -25.76
N ALA D 92 -16.61 -14.97 -26.12
CA ALA D 92 -16.33 -15.69 -27.37
C ALA D 92 -15.00 -16.43 -27.27
N GLU D 93 -14.94 -17.63 -27.88
CA GLU D 93 -13.74 -18.46 -27.92
C GLU D 93 -12.99 -18.23 -29.23
N ASP D 94 -12.14 -19.18 -29.61
CA ASP D 94 -11.39 -19.03 -30.86
C ASP D 94 -11.89 -20.01 -31.92
N ASP D 97 -16.73 -18.73 -33.97
CA ASP D 97 -17.80 -19.74 -34.10
C ASP D 97 -19.19 -19.29 -33.59
N THR D 98 -19.31 -19.00 -32.29
CA THR D 98 -20.55 -18.48 -31.72
C THR D 98 -20.21 -17.46 -30.64
N LEU D 99 -21.20 -16.63 -30.32
CA LEU D 99 -21.06 -15.57 -29.32
C LEU D 99 -22.06 -15.79 -28.19
N ALA D 100 -21.57 -15.70 -26.97
CA ALA D 100 -22.41 -15.78 -25.79
C ALA D 100 -22.77 -14.38 -25.31
N LEU D 101 -24.02 -14.20 -24.93
CA LEU D 101 -24.44 -13.03 -24.18
C LEU D 101 -24.98 -13.51 -22.85
N VAL D 102 -24.56 -12.88 -21.76
CA VAL D 102 -25.03 -13.26 -20.43
C VAL D 102 -25.61 -12.04 -19.73
N PHE D 103 -26.89 -12.12 -19.36
CA PHE D 103 -27.59 -11.08 -18.63
C PHE D 103 -27.82 -11.55 -17.19
N GLU D 104 -27.61 -10.66 -16.23
CA GLU D 104 -27.93 -10.95 -14.83
C GLU D 104 -28.56 -9.75 -14.15
N ALA D 105 -29.68 -9.98 -13.46
CA ALA D 105 -30.40 -8.91 -12.79
C ALA D 105 -29.71 -8.44 -11.50
N ASN D 107 -34.21 -9.04 -8.56
CA ASN D 107 -32.89 -8.94 -9.16
C ASN D 107 -31.95 -9.96 -8.51
N GLN D 108 -30.74 -10.10 -9.05
CA GLN D 108 -29.67 -10.96 -8.53
C GLN D 108 -30.10 -12.43 -8.45
N GLU D 109 -31.37 -12.67 -8.75
CA GLU D 109 -31.96 -14.01 -8.80
C GLU D 109 -31.80 -14.63 -10.18
N LYS D 110 -32.25 -13.92 -11.22
CA LYS D 110 -32.29 -14.42 -12.58
C LYS D 110 -30.94 -14.28 -13.25
N VAL D 111 -30.57 -15.28 -14.05
CA VAL D 111 -29.41 -15.21 -14.95
C VAL D 111 -29.80 -15.90 -16.25
N SER D 112 -29.64 -15.20 -17.36
CA SER D 112 -29.98 -15.72 -18.67
C SER D 112 -28.71 -15.98 -19.46
N ASP D 113 -28.70 -17.05 -20.25
CA ASP D 113 -27.55 -17.41 -21.07
C ASP D 113 -28.03 -17.59 -22.50
N TYR D 114 -27.72 -16.64 -23.37
CA TYR D 114 -28.09 -16.75 -24.76
C TYR D 114 -26.82 -16.96 -25.58
N GLU D 115 -26.94 -17.74 -26.65
CA GLU D 115 -25.81 -18.05 -27.51
C GLU D 115 -26.29 -17.97 -28.95
N MET D 116 -25.63 -17.15 -29.77
CA MET D 116 -26.02 -16.92 -31.15
C MET D 116 -24.92 -17.28 -32.12
N LYS D 117 -25.33 -17.63 -33.32
CA LYS D 117 -24.38 -18.10 -34.32
C LYS D 117 -23.63 -16.94 -34.96
N LEU D 118 -22.30 -17.06 -35.01
CA LEU D 118 -21.51 -16.15 -35.82
C LEU D 118 -21.74 -16.46 -37.30
N MET D 119 -21.35 -15.52 -38.15
CA MET D 119 -21.44 -15.74 -39.58
C MET D 119 -20.17 -15.26 -40.24
N ASP D 120 -20.06 -15.56 -41.53
CA ASP D 120 -18.83 -15.34 -42.27
C ASP D 120 -18.88 -13.98 -42.98
N LEU D 121 -18.64 -12.95 -42.18
CA LEU D 121 -18.60 -11.58 -42.67
C LEU D 121 -17.23 -11.02 -42.27
N ASP D 122 -16.33 -10.95 -43.24
CA ASP D 122 -14.99 -10.44 -42.97
C ASP D 122 -14.62 -9.46 -44.06
N VAL D 123 -14.57 -8.18 -43.68
CA VAL D 123 -14.20 -7.09 -44.56
C VAL D 123 -13.36 -6.13 -43.73
N GLU D 124 -12.22 -5.71 -44.26
CA GLU D 124 -11.28 -4.98 -43.45
C GLU D 124 -11.70 -3.52 -43.32
N GLN D 125 -11.58 -3.01 -42.11
CA GLN D 125 -11.94 -1.63 -41.84
C GLN D 125 -11.09 -0.67 -42.64
N LEU D 126 -11.71 0.37 -43.17
CA LEU D 126 -10.98 1.47 -43.74
C LEU D 126 -10.47 2.39 -42.63
N GLY D 127 -9.49 3.19 -42.97
CA GLY D 127 -9.02 4.23 -42.08
C GLY D 127 -9.76 5.50 -42.41
N ILE D 128 -10.40 6.07 -41.40
CA ILE D 128 -11.25 7.23 -41.58
C ILE D 128 -10.72 8.36 -40.70
N PRO D 129 -10.02 9.31 -41.28
CA PRO D 129 -9.36 10.35 -40.49
C PRO D 129 -10.26 11.55 -40.24
N GLU D 130 -9.93 12.27 -39.16
CA GLU D 130 -10.58 13.55 -38.90
C GLU D 130 -10.49 14.42 -40.15
N GLN D 131 -11.62 15.02 -40.52
CA GLN D 131 -11.67 15.91 -41.66
C GLN D 131 -11.98 17.31 -41.19
N GLU D 132 -11.83 18.25 -42.12
CA GLU D 132 -12.09 19.67 -41.91
C GLU D 132 -13.51 19.96 -42.38
N TYR D 133 -14.28 20.67 -41.56
CA TYR D 133 -15.68 20.93 -41.89
C TYR D 133 -15.99 22.41 -42.00
N SER D 134 -16.77 22.75 -43.04
CA SER D 134 -17.32 24.09 -43.17
C SER D 134 -18.19 24.47 -41.99
N CYS D 135 -18.99 23.54 -41.48
CA CYS D 135 -19.95 23.86 -40.44
C CYS D 135 -20.07 22.66 -39.51
N VAL D 136 -20.13 22.95 -38.21
CA VAL D 136 -20.24 21.94 -37.16
C VAL D 136 -21.25 22.44 -36.15
N VAL D 137 -22.34 21.69 -35.96
CA VAL D 137 -23.48 22.10 -35.13
C VAL D 137 -23.59 21.13 -33.98
N LYS D 138 -23.73 21.65 -32.76
CA LYS D 138 -23.99 20.84 -31.57
C LYS D 138 -25.33 21.26 -30.97
N MET D 139 -26.23 20.31 -30.79
CA MET D 139 -27.61 20.62 -30.45
C MET D 139 -28.22 19.43 -29.74
N PRO D 140 -29.33 19.61 -29.03
CA PRO D 140 -29.93 18.48 -28.32
C PRO D 140 -30.39 17.37 -29.29
N SER D 141 -30.07 16.13 -28.92
CA SER D 141 -30.29 15.01 -29.83
C SER D 141 -31.76 14.74 -30.10
N GLY D 142 -32.65 15.27 -29.25
CA GLY D 142 -34.08 15.12 -29.44
C GLY D 142 -34.69 16.14 -30.36
N GLU D 143 -34.23 17.40 -30.30
CA GLU D 143 -34.66 18.40 -31.26
C GLU D 143 -34.30 17.97 -32.67
N PHE D 144 -33.07 17.48 -32.85
CA PHE D 144 -32.66 16.99 -34.15
C PHE D 144 -33.55 15.83 -34.59
N ALA D 145 -33.86 14.93 -33.66
CA ALA D 145 -34.72 13.81 -33.98
C ALA D 145 -36.10 14.28 -34.34
N ARG D 146 -36.59 15.28 -33.60
CA ARG D 146 -37.88 15.88 -33.90
C ARG D 146 -37.86 16.58 -35.26
N ILE D 147 -36.85 17.41 -35.50
CA ILE D 147 -36.77 18.15 -36.77
C ILE D 147 -36.76 17.20 -37.95
N CYS D 148 -36.03 16.08 -37.84
CA CYS D 148 -36.01 15.15 -38.96
C CYS D 148 -37.37 14.49 -39.12
N ARG D 149 -38.03 14.18 -38.01
CA ARG D 149 -39.32 13.50 -38.10
C ARG D 149 -40.36 14.41 -38.74
N ASP D 150 -40.42 15.67 -38.30
CA ASP D 150 -41.36 16.63 -38.86
C ASP D 150 -41.17 16.76 -40.37
N LEU D 151 -39.96 17.11 -40.80
CA LEU D 151 -39.73 17.34 -42.20
C LEU D 151 -39.94 16.08 -43.03
N SER D 152 -39.91 14.90 -42.40
CA SER D 152 -40.25 13.67 -43.10
C SER D 152 -41.64 13.73 -43.68
N HIS D 153 -42.55 14.38 -42.97
CA HIS D 153 -43.93 14.48 -43.44
C HIS D 153 -44.11 15.59 -44.47
N ILE D 154 -43.12 16.43 -44.69
CA ILE D 154 -43.18 17.42 -45.75
C ILE D 154 -42.57 16.90 -47.05
N GLY D 155 -41.40 16.27 -46.98
CA GLY D 155 -40.71 15.80 -48.16
C GLY D 155 -39.69 14.74 -47.81
N ASP D 156 -38.97 14.29 -48.85
CA ASP D 156 -38.01 13.19 -48.76
C ASP D 156 -36.62 13.61 -48.32
N ALA D 157 -36.25 14.86 -48.52
CA ALA D 157 -34.90 15.33 -48.30
C ALA D 157 -34.94 16.65 -47.55
N VAL D 158 -34.01 16.81 -46.63
CA VAL D 158 -33.80 18.08 -45.94
C VAL D 158 -32.57 18.77 -46.50
N VAL D 159 -32.62 20.09 -46.51
CA VAL D 159 -31.52 20.92 -46.98
C VAL D 159 -30.97 21.62 -45.75
N ILE D 160 -29.85 21.16 -45.24
CA ILE D 160 -29.21 21.77 -44.07
C ILE D 160 -28.27 22.88 -44.55
N SER D 161 -28.22 23.98 -43.81
CA SER D 161 -27.46 25.16 -44.20
C SER D 161 -27.02 25.93 -42.96
N CYS D 162 -26.00 26.78 -43.09
CA CYS D 162 -25.48 27.48 -41.91
C CYS D 162 -25.41 29.02 -41.97
N GLY D 166 -26.11 30.84 -37.55
CA GLY D 166 -27.35 30.07 -37.47
C GLY D 166 -27.42 28.81 -38.35
N VAL D 167 -28.38 27.90 -38.09
CA VAL D 167 -28.61 26.70 -38.91
C VAL D 167 -30.08 26.58 -39.31
N LYS D 168 -30.31 26.21 -40.57
CA LYS D 168 -31.63 26.11 -41.15
C LYS D 168 -31.79 24.73 -41.76
N PHE D 169 -32.91 24.08 -41.49
CA PHE D 169 -33.29 22.84 -42.12
C PHE D 169 -34.53 23.07 -42.95
N SER D 170 -34.53 22.54 -44.16
CA SER D 170 -35.59 22.88 -45.09
C SER D 170 -35.96 21.64 -45.89
N ALA D 171 -37.25 21.44 -46.14
CA ALA D 171 -37.69 20.36 -47.01
C ALA D 171 -38.86 20.81 -47.86
N SER D 172 -39.09 20.07 -48.94
CA SER D 172 -40.13 20.44 -49.87
C SER D 172 -40.78 19.18 -50.41
N GLY D 173 -42.05 19.29 -50.73
CA GLY D 173 -42.76 18.13 -51.21
C GLY D 173 -44.10 18.52 -51.78
N GLU D 174 -44.96 17.51 -51.96
CA GLU D 174 -46.23 17.75 -52.65
C GLU D 174 -47.19 18.57 -51.80
N LEU D 175 -47.21 18.39 -50.49
CA LEU D 175 -48.15 19.17 -49.72
C LEU D 175 -47.63 20.57 -49.38
N GLY D 176 -46.49 20.97 -49.93
CA GLY D 176 -45.95 22.29 -49.65
C GLY D 176 -44.48 22.20 -49.29
N ASN D 177 -44.01 23.09 -48.41
CA ASN D 177 -42.62 23.05 -47.97
C ASN D 177 -42.52 23.58 -46.56
N GLY D 178 -41.33 23.41 -45.97
CA GLY D 178 -41.12 23.71 -44.57
C GLY D 178 -39.71 24.20 -44.31
N ASN D 179 -39.59 24.96 -43.23
CA ASN D 179 -38.37 25.72 -42.95
C ASN D 179 -38.28 25.87 -41.44
N ILE D 180 -37.29 25.20 -40.83
CA ILE D 180 -37.02 25.27 -39.40
C ILE D 180 -35.67 25.96 -39.19
N LYS D 181 -35.61 26.89 -38.24
CA LYS D 181 -34.40 27.67 -38.02
C LYS D 181 -34.03 27.68 -36.54
N LEU D 182 -32.77 27.33 -36.24
CA LEU D 182 -32.19 27.41 -34.90
C LEU D 182 -30.95 28.31 -34.93
N SER D 183 -30.76 29.12 -33.88
CA SER D 183 -29.63 30.05 -33.78
C SER D 183 -28.77 29.72 -32.56
N GLN D 184 -27.78 30.56 -32.29
CA GLN D 184 -26.84 30.29 -31.21
C GLN D 184 -27.52 30.45 -29.85
N THR D 185 -27.27 29.48 -28.96
CA THR D 185 -27.55 29.65 -27.52
C THR D 185 -26.43 29.00 -26.66
N GLU D 193 -28.78 19.87 -23.73
CA GLU D 193 -28.07 21.13 -23.45
C GLU D 193 -28.60 22.31 -24.32
N ALA D 194 -27.75 22.91 -25.16
CA ALA D 194 -28.11 24.08 -25.96
C ALA D 194 -27.52 23.89 -27.36
N VAL D 195 -27.43 24.98 -28.13
CA VAL D 195 -27.06 24.94 -29.54
C VAL D 195 -25.83 25.78 -29.78
N THR D 196 -24.85 25.24 -30.52
CA THR D 196 -23.66 25.99 -30.91
C THR D 196 -23.31 25.64 -32.35
N ILE D 197 -22.84 26.65 -33.10
CA ILE D 197 -22.49 26.53 -34.51
C ILE D 197 -21.08 27.08 -34.73
N GLU D 198 -20.19 26.28 -35.31
CA GLU D 198 -18.86 26.71 -35.73
C GLU D 198 -18.84 26.75 -37.26
N MET D 199 -18.93 27.95 -37.82
CA MET D 199 -19.09 28.15 -39.26
C MET D 199 -17.81 28.75 -39.82
N ASN D 200 -17.08 27.96 -40.60
CA ASN D 200 -15.88 28.46 -41.23
C ASN D 200 -16.26 29.20 -42.53
N GLU D 201 -17.05 28.57 -43.40
CA GLU D 201 -17.70 29.26 -44.52
C GLU D 201 -19.11 28.72 -44.69
N PRO D 202 -20.02 29.51 -45.27
CA PRO D 202 -21.34 28.99 -45.61
C PRO D 202 -21.27 27.66 -46.36
N VAL D 203 -22.21 26.77 -46.05
CA VAL D 203 -22.28 25.48 -46.72
C VAL D 203 -23.72 25.02 -46.72
N GLN D 204 -24.16 24.44 -47.83
CA GLN D 204 -25.53 23.97 -48.01
C GLN D 204 -25.50 22.58 -48.65
N LEU D 205 -26.11 21.59 -47.99
CA LEU D 205 -26.26 20.29 -48.62
C LEU D 205 -27.62 19.69 -48.32
N THR D 206 -27.96 18.67 -49.11
CA THR D 206 -29.21 17.96 -49.04
C THR D 206 -28.94 16.50 -48.72
N PHE D 207 -29.71 15.93 -47.78
CA PHE D 207 -29.57 14.54 -47.38
C PHE D 207 -30.93 13.87 -47.32
N ALA D 208 -30.97 12.59 -47.68
CA ALA D 208 -32.22 11.85 -47.61
C ALA D 208 -32.65 11.73 -46.15
N LEU D 209 -33.87 12.19 -45.86
CA LEU D 209 -34.36 12.10 -44.50
C LEU D 209 -34.53 10.63 -44.07
N ARG D 210 -34.79 9.74 -45.03
CA ARG D 210 -34.97 8.35 -44.67
C ARG D 210 -33.75 7.83 -43.91
N TYR D 211 -32.58 8.38 -44.20
CA TYR D 211 -31.37 7.89 -43.54
C TYR D 211 -31.07 8.62 -42.25
N LEU D 212 -31.37 9.91 -42.19
CA LEU D 212 -31.22 10.62 -40.93
C LEU D 212 -32.10 10.02 -39.87
N ASN D 213 -33.29 9.56 -40.24
CA ASN D 213 -34.19 9.04 -39.23
C ASN D 213 -33.70 7.71 -38.70
N PHE D 214 -33.09 6.88 -39.56
CA PHE D 214 -32.30 5.75 -39.05
C PHE D 214 -31.31 6.23 -37.99
N PHE D 215 -30.52 7.26 -38.31
CA PHE D 215 -29.46 7.69 -37.41
C PHE D 215 -30.01 8.08 -36.05
N THR D 216 -31.11 8.84 -36.02
CA THR D 216 -31.66 9.30 -34.74
C THR D 216 -32.17 8.16 -33.87
N LYS D 217 -32.17 6.91 -34.35
CA LYS D 217 -32.47 5.81 -33.44
C LYS D 217 -31.41 5.66 -32.35
N ALA D 218 -30.30 6.37 -32.45
CA ALA D 218 -29.26 6.40 -31.42
C ALA D 218 -29.55 7.40 -30.33
N THR D 219 -30.68 8.10 -30.41
CA THR D 219 -30.92 9.23 -29.54
C THR D 219 -30.85 8.86 -28.07
N PRO D 220 -31.33 7.69 -27.62
CA PRO D 220 -31.19 7.33 -26.20
C PRO D 220 -29.74 7.27 -25.67
N LEU D 221 -28.72 7.41 -26.53
CA LEU D 221 -27.35 7.21 -26.08
C LEU D 221 -26.68 8.48 -25.54
N SER D 222 -27.25 9.65 -25.83
CA SER D 222 -26.67 10.93 -25.48
C SER D 222 -27.71 12.02 -25.69
N SER D 223 -27.77 12.97 -24.77
CA SER D 223 -28.71 14.06 -24.97
C SER D 223 -28.22 15.09 -25.99
N THR D 224 -27.08 14.86 -26.61
CA THR D 224 -26.45 15.85 -27.46
C THR D 224 -26.01 15.14 -28.72
N VAL D 225 -26.20 15.79 -29.85
CA VAL D 225 -25.73 15.31 -31.15
C VAL D 225 -24.86 16.41 -31.73
N THR D 226 -23.88 16.02 -32.54
CA THR D 226 -23.15 16.99 -33.33
C THR D 226 -23.21 16.59 -34.80
N LEU D 227 -23.46 17.57 -35.66
CA LEU D 227 -23.50 17.39 -37.11
C LEU D 227 -22.33 18.15 -37.72
N SER D 228 -21.40 17.44 -38.33
CA SER D 228 -20.28 18.04 -39.03
C SER D 228 -20.55 18.01 -40.53
N MET D 229 -20.26 19.11 -41.20
CA MET D 229 -20.83 19.32 -42.52
C MET D 229 -19.83 20.04 -43.42
N SER D 230 -19.52 19.42 -44.55
CA SER D 230 -18.63 19.96 -45.55
C SER D 230 -19.12 19.51 -46.92
N ALA D 231 -18.77 20.25 -47.95
CA ALA D 231 -19.21 19.88 -49.30
C ALA D 231 -18.32 18.81 -49.93
N ASP D 232 -17.27 18.40 -49.23
CA ASP D 232 -16.22 17.55 -49.77
C ASP D 232 -16.21 16.17 -49.15
N VAL D 233 -16.94 15.98 -48.06
CA VAL D 233 -16.94 14.72 -47.31
C VAL D 233 -18.37 14.41 -46.89
N PRO D 234 -18.65 13.15 -46.62
CA PRO D 234 -19.95 12.79 -46.04
C PRO D 234 -20.27 13.63 -44.82
N LEU D 235 -21.56 13.89 -44.62
CA LEU D 235 -22.00 14.46 -43.37
C LEU D 235 -21.72 13.47 -42.23
N VAL D 236 -21.39 14.01 -41.05
CA VAL D 236 -21.19 13.15 -39.87
C VAL D 236 -22.19 13.55 -38.81
N VAL D 237 -22.89 12.54 -38.28
CA VAL D 237 -23.85 12.67 -37.19
C VAL D 237 -23.27 11.83 -36.07
N GLU D 238 -22.87 12.48 -34.98
CA GLU D 238 -22.14 11.78 -33.93
C GLU D 238 -22.88 11.85 -32.60
N TYR D 239 -23.01 10.70 -31.95
CA TYR D 239 -23.51 10.58 -30.58
C TYR D 239 -22.40 10.00 -29.71
N LYS D 240 -22.05 10.70 -28.64
CA LYS D 240 -21.10 10.13 -27.71
C LYS D 240 -21.81 9.11 -26.82
N ILE D 241 -21.19 7.94 -26.66
CA ILE D 241 -21.62 6.97 -25.65
C ILE D 241 -20.73 7.27 -24.45
N ALA D 242 -21.29 8.00 -23.48
CA ALA D 242 -20.46 8.59 -22.43
C ALA D 242 -19.62 7.50 -21.76
N ASP D 243 -18.31 7.79 -21.65
CA ASP D 243 -17.33 6.95 -20.96
C ASP D 243 -17.02 5.66 -21.69
N MET D 244 -17.30 5.57 -22.99
CA MET D 244 -16.89 4.41 -23.76
C MET D 244 -16.50 4.71 -25.18
N GLY D 245 -17.00 5.76 -25.79
CA GLY D 245 -16.73 5.95 -27.19
C GLY D 245 -17.92 6.59 -27.86
N HIS D 246 -18.27 6.13 -29.05
CA HIS D 246 -19.20 6.92 -29.85
C HIS D 246 -19.85 6.05 -30.90
N LEU D 247 -20.97 6.57 -31.42
CA LEU D 247 -21.55 6.16 -32.68
C LEU D 247 -21.41 7.32 -33.66
N LYS D 248 -20.79 7.07 -34.80
CA LYS D 248 -20.61 8.08 -35.84
C LYS D 248 -21.36 7.57 -37.08
N TYR D 249 -22.27 8.37 -37.60
CA TYR D 249 -22.98 8.03 -38.83
C TYR D 249 -22.45 8.91 -39.96
N TYR D 250 -22.06 8.31 -41.08
CA TYR D 250 -21.62 9.08 -42.23
C TYR D 250 -22.66 8.97 -43.32
N LEU D 251 -23.04 10.10 -43.91
CA LEU D 251 -24.06 10.13 -44.95
C LEU D 251 -23.62 10.98 -46.12
N ALA D 252 -23.69 10.41 -47.33
CA ALA D 252 -23.39 11.10 -48.58
C ALA D 252 -24.57 11.99 -48.94
N PRO D 253 -24.32 13.18 -49.50
CA PRO D 253 -25.43 14.04 -49.95
C PRO D 253 -26.11 13.45 -51.19
N LYS D 254 -27.25 14.05 -51.54
CA LYS D 254 -27.95 13.72 -52.78
C LYS D 254 -27.36 14.59 -53.89
N ILE D 255 -27.41 14.05 -55.11
CA ILE D 255 -26.87 14.78 -56.25
C ILE D 255 -27.99 15.23 -57.19
#